data_5CLL
#
_entry.id   5CLL
#
_cell.length_a   50.600
_cell.length_b   55.780
_cell.length_c   122.930
_cell.angle_alpha   90.00
_cell.angle_beta   90.05
_cell.angle_gamma   90.00
#
_symmetry.space_group_name_H-M   'P 1 21 1'
#
loop_
_entity.id
_entity.type
_entity.pdbx_description
1 polymer 'GTP-binding nuclear protein Ran'
2 polymer 'E3 SUMO-protein ligase RanBP2'
3 non-polymer "GUANOSINE-5'-DIPHOSPHATE"
4 non-polymer 'BERYLLIUM TRIFLUORIDE ION'
5 non-polymer 'MAGNESIUM ION'
6 water water
#
loop_
_entity_poly.entity_id
_entity_poly.type
_entity_poly.pdbx_seq_one_letter_code
_entity_poly.pdbx_strand_id
1 'polypeptide(L)'
;MAAQGEPQVQFKLVLVGDGGTGKTTFVKRHLTGEFEKKYVATLGVEVHPLVFHTNRGPIKFNVWDTAGQEKFGGLRDGYY
IQAQCAIIMFDVTSRVTYKNVPNWHRDLVRVCENIPIVLCGNKVDIKDRKVKAKSIVFHRKKNLQYYDISAKSNYNFEKP
FLWLARKLIGDPNLEFVAMPALAPPEVVMDP
;
A,C
2 'polypeptide(L)'
;ETDGGSAHGDDDDDGPHFEPVVPLPDKIEVKTGEEDEEEFFCNRAKLFRFDVESKEWKERGIGNVKILRHKTSGKIRLLM
RREQVLKICANHYISPDMKLTPNAGSDRSFVWHALDYADELPKPEQLAIRFKTPEEAALFKCKFEEAQSILKAPGTNVAM
ASNQAVR
;
B,D
#
# COMPACT_ATOMS: atom_id res chain seq x y z
N GLN A 8 -7.79 7.61 10.30
CA GLN A 8 -6.92 6.97 11.34
C GLN A 8 -7.66 6.82 12.68
N VAL A 9 -7.73 5.59 13.18
CA VAL A 9 -8.40 5.28 14.45
C VAL A 9 -7.34 4.96 15.50
N GLN A 10 -7.32 5.76 16.57
CA GLN A 10 -6.31 5.58 17.61
C GLN A 10 -6.80 5.88 19.04
N PHE A 11 -6.05 5.40 20.02
CA PHE A 11 -6.39 5.59 21.42
C PHE A 11 -5.17 5.97 22.24
N LYS A 12 -5.39 6.81 23.25
CA LYS A 12 -4.34 7.15 24.20
C LYS A 12 -4.36 6.19 25.38
N LEU A 13 -3.23 5.54 25.61
CA LEU A 13 -3.06 4.53 26.63
C LEU A 13 -1.94 4.95 27.57
N VAL A 14 -2.27 5.14 28.85
CA VAL A 14 -1.22 5.38 29.83
C VAL A 14 -0.92 4.08 30.56
N LEU A 15 0.37 3.80 30.69
CA LEU A 15 0.84 2.58 31.26
C LEU A 15 1.55 2.98 32.53
N VAL A 16 1.05 2.47 33.65
CA VAL A 16 1.56 2.87 34.96
C VAL A 16 1.90 1.65 35.79
N GLY A 17 2.65 1.88 36.86
CA GLY A 17 3.10 0.79 37.72
C GLY A 17 4.45 1.11 38.31
N ASP A 18 4.80 0.39 39.39
CA ASP A 18 6.08 0.60 40.05
C ASP A 18 7.24 0.41 39.08
N GLY A 19 8.35 1.11 39.32
CA GLY A 19 9.60 0.87 38.61
C GLY A 19 10.01 -0.59 38.72
N GLY A 20 10.47 -1.16 37.61
CA GLY A 20 11.02 -2.52 37.62
C GLY A 20 9.99 -3.59 37.32
N THR A 21 8.76 -3.16 37.04
CA THR A 21 7.67 -4.10 36.87
C THR A 21 7.63 -4.69 35.46
N GLY A 22 8.19 -3.97 34.49
CA GLY A 22 8.31 -4.49 33.12
C GLY A 22 7.44 -3.75 32.11
N LYS A 23 7.16 -2.49 32.40
CA LYS A 23 6.35 -1.65 31.54
C LYS A 23 7.07 -1.39 30.22
N THR A 24 8.30 -0.87 30.28
CA THR A 24 9.09 -0.58 29.07
C THR A 24 9.37 -1.88 28.30
N THR A 25 9.67 -2.95 29.04
CA THR A 25 9.96 -4.26 28.47
C THR A 25 8.76 -4.78 27.66
N PHE A 26 7.57 -4.67 28.25
CA PHE A 26 6.29 -5.00 27.61
C PHE A 26 6.10 -4.21 26.32
N VAL A 27 6.27 -2.88 26.39
CA VAL A 27 6.17 -2.02 25.23
C VAL A 27 7.18 -2.38 24.15
N LYS A 28 8.44 -2.61 24.53
CA LYS A 28 9.50 -2.97 23.59
C LYS A 28 9.19 -4.30 22.90
N ARG A 29 8.73 -5.27 23.68
CA ARG A 29 8.38 -6.59 23.16
C ARG A 29 7.36 -6.46 22.03
N HIS A 30 6.31 -5.65 22.23
CA HIS A 30 5.32 -5.39 21.17
C HIS A 30 5.92 -4.63 20.02
N LEU A 31 6.92 -3.82 20.31
CA LEU A 31 7.41 -2.88 19.33
C LEU A 31 8.37 -3.55 18.35
N THR A 32 9.33 -4.31 18.87
CA THR A 32 10.35 -4.93 18.05
C THR A 32 10.41 -6.45 18.16
N GLY A 33 9.82 -7.02 19.21
CA GLY A 33 9.95 -8.45 19.50
C GLY A 33 11.01 -8.80 20.54
N GLU A 34 11.87 -7.83 20.88
CA GLU A 34 13.01 -8.07 21.81
C GLU A 34 12.58 -8.25 23.26
N PHE A 35 13.41 -8.92 24.04
CA PHE A 35 13.24 -8.97 25.48
C PHE A 35 14.45 -8.35 26.17
N GLU A 36 14.32 -7.10 26.57
CA GLU A 36 15.39 -6.38 27.24
C GLU A 36 15.64 -6.94 28.65
N LYS A 37 16.82 -7.53 28.83
CA LYS A 37 17.17 -8.12 30.12
C LYS A 37 17.47 -7.04 31.17
N LYS A 38 18.00 -5.90 30.73
CA LYS A 38 18.46 -4.86 31.63
C LYS A 38 17.33 -4.00 32.15
N TYR A 39 17.55 -3.39 33.30
CA TYR A 39 16.62 -2.43 33.83
C TYR A 39 17.16 -0.99 33.72
N VAL A 40 16.65 -0.25 32.75
CA VAL A 40 16.98 1.16 32.61
C VAL A 40 15.71 1.97 32.90
N ALA A 41 15.67 2.61 34.07
CA ALA A 41 14.50 3.37 34.51
C ALA A 41 14.10 4.46 33.52
N THR A 42 12.81 4.51 33.21
CA THR A 42 12.28 5.43 32.21
C THR A 42 12.33 6.84 32.77
N LEU A 43 12.81 7.77 31.94
CA LEU A 43 12.92 9.18 32.31
C LEU A 43 11.63 9.91 31.97
N GLY A 44 10.72 9.96 32.93
CA GLY A 44 9.45 10.67 32.76
C GLY A 44 8.43 9.85 32.02
N VAL A 45 8.50 9.87 30.70
CA VAL A 45 7.58 9.09 29.85
C VAL A 45 8.13 8.90 28.43
N GLU A 46 7.83 7.75 27.85
CA GLU A 46 8.07 7.51 26.44
C GLU A 46 6.75 7.18 25.74
N VAL A 47 6.42 7.94 24.71
CA VAL A 47 5.22 7.71 23.92
C VAL A 47 5.59 6.87 22.69
N HIS A 48 4.96 5.70 22.57
CA HIS A 48 5.19 4.77 21.47
C HIS A 48 3.91 4.31 20.81
N PRO A 49 3.82 4.43 19.46
CA PRO A 49 2.67 3.91 18.73
C PRO A 49 2.70 2.38 18.60
N LEU A 50 1.56 1.75 18.83
CA LEU A 50 1.39 0.31 18.55
C LEU A 50 0.14 0.05 17.72
N VAL A 51 0.36 -0.41 16.50
CA VAL A 51 -0.73 -0.66 15.58
C VAL A 51 -1.13 -2.14 15.58
N PHE A 52 -2.43 -2.37 15.67
CA PHE A 52 -2.98 -3.71 15.52
C PHE A 52 -3.97 -3.67 14.38
N HIS A 53 -4.14 -4.81 13.72
CA HIS A 53 -5.14 -4.96 12.69
C HIS A 53 -6.25 -5.80 13.21
N THR A 54 -7.48 -5.46 12.81
CA THR A 54 -8.66 -6.17 13.26
C THR A 54 -9.67 -6.36 12.14
N ASN A 55 -10.67 -7.20 12.40
CA ASN A 55 -11.76 -7.44 11.45
C ASN A 55 -12.60 -6.19 11.17
N ARG A 56 -12.31 -5.10 11.89
CA ARG A 56 -12.95 -3.80 11.67
C ARG A 56 -11.98 -2.73 11.15
N GLY A 57 -10.70 -3.07 10.99
CA GLY A 57 -9.73 -2.15 10.40
C GLY A 57 -8.48 -1.92 11.25
N PRO A 58 -7.58 -1.02 10.79
CA PRO A 58 -6.39 -0.74 11.58
C PRO A 58 -6.73 0.14 12.78
N ILE A 59 -6.16 -0.22 13.93
CA ILE A 59 -6.26 0.59 15.13
C ILE A 59 -4.84 0.83 15.68
N LYS A 60 -4.64 1.97 16.32
CA LYS A 60 -3.34 2.30 16.92
C LYS A 60 -3.50 2.71 18.39
N PHE A 61 -2.68 2.15 19.26
CA PHE A 61 -2.57 2.68 20.63
C PHE A 61 -1.35 3.61 20.70
N ASN A 62 -1.60 4.85 21.11
CA ASN A 62 -0.51 5.73 21.48
C ASN A 62 -0.24 5.50 22.96
N VAL A 63 0.74 4.63 23.24
CA VAL A 63 1.07 4.20 24.60
C VAL A 63 2.01 5.16 25.32
N TRP A 64 1.55 5.66 26.47
CA TRP A 64 2.34 6.54 27.32
C TRP A 64 3.01 5.72 28.39
N ASP A 65 4.26 5.36 28.10
CA ASP A 65 5.06 4.54 29.01
C ASP A 65 5.70 5.43 30.07
N THR A 66 5.05 5.50 31.23
CA THR A 66 5.44 6.41 32.30
C THR A 66 6.42 5.77 33.26
N ALA A 67 7.25 6.59 33.88
CA ALA A 67 8.17 6.11 34.90
C ALA A 67 7.44 5.95 36.22
N GLY A 68 7.82 4.94 36.99
CA GLY A 68 7.09 4.55 38.19
C GLY A 68 7.55 5.19 39.48
N GLN A 69 8.72 5.82 39.48
CA GLN A 69 9.26 6.45 40.68
C GLN A 69 8.33 7.53 41.20
N GLU A 70 8.30 7.68 42.53
CA GLU A 70 7.40 8.63 43.17
C GLU A 70 7.60 10.02 42.59
N LYS A 71 8.86 10.43 42.46
CA LYS A 71 9.20 11.80 42.05
C LYS A 71 8.53 12.28 40.77
N PHE A 72 8.05 11.32 39.97
CA PHE A 72 7.33 11.60 38.73
C PHE A 72 5.82 11.75 38.93
N GLY A 73 5.40 11.82 40.20
CA GLY A 73 3.98 11.93 40.56
C GLY A 73 3.25 13.11 39.94
N GLY A 74 3.83 14.31 40.10
CA GLY A 74 3.25 15.54 39.58
C GLY A 74 3.11 15.57 38.06
N LEU A 75 4.14 15.06 37.37
CA LEU A 75 4.19 15.06 35.90
C LEU A 75 3.19 14.08 35.27
N ARG A 76 2.97 12.93 35.90
CA ARG A 76 2.11 11.94 35.27
C ARG A 76 0.61 12.26 35.33
N ASP A 77 0.22 13.13 36.27
CA ASP A 77 -1.11 13.72 36.27
C ASP A 77 -1.37 14.49 34.97
N GLY A 78 -0.30 15.09 34.44
CA GLY A 78 -0.35 15.76 33.14
C GLY A 78 -0.38 14.76 31.99
N TYR A 79 0.34 13.65 32.14
CA TYR A 79 0.30 12.57 31.16
C TYR A 79 -1.09 11.98 31.07
N TYR A 80 -1.75 11.83 32.22
CA TYR A 80 -3.06 11.19 32.26
C TYR A 80 -4.18 11.99 31.56
N ILE A 81 -3.98 13.27 31.33
CA ILE A 81 -5.04 14.08 30.73
C ILE A 81 -5.38 13.58 29.32
N GLN A 82 -6.65 13.27 29.11
CA GLN A 82 -7.15 12.76 27.82
C GLN A 82 -6.82 11.28 27.56
N ALA A 83 -6.32 10.56 28.56
CA ALA A 83 -6.14 9.12 28.43
C ALA A 83 -7.49 8.44 28.34
N GLN A 84 -7.60 7.52 27.38
CA GLN A 84 -8.87 6.84 27.16
C GLN A 84 -8.85 5.44 27.74
N CYS A 85 -7.68 4.99 28.18
CA CYS A 85 -7.53 3.69 28.84
C CYS A 85 -6.18 3.60 29.52
N ALA A 86 -6.00 2.55 30.30
CA ALA A 86 -4.74 2.31 30.99
C ALA A 86 -4.54 0.83 31.35
N ILE A 87 -3.27 0.48 31.49
CA ILE A 87 -2.85 -0.79 32.06
C ILE A 87 -2.11 -0.41 33.31
N ILE A 88 -2.41 -1.10 34.40
CA ILE A 88 -1.65 -1.00 35.63
C ILE A 88 -0.82 -2.25 35.73
N MET A 89 0.50 -2.07 35.67
CA MET A 89 1.43 -3.18 35.73
C MET A 89 1.92 -3.42 37.14
N PHE A 90 1.96 -4.68 37.54
CA PHE A 90 2.76 -5.06 38.69
C PHE A 90 3.58 -6.34 38.41
N ASP A 91 4.48 -6.65 39.34
CA ASP A 91 5.45 -7.71 39.20
C ASP A 91 5.04 -8.84 40.17
N VAL A 92 4.83 -10.04 39.64
CA VAL A 92 4.42 -11.17 40.49
C VAL A 92 5.56 -11.71 41.38
N THR A 93 6.73 -11.11 41.20
CA THR A 93 7.98 -11.45 41.90
C THR A 93 8.23 -10.53 43.10
N SER A 94 7.48 -9.42 43.13
CA SER A 94 7.69 -8.35 44.09
C SER A 94 6.36 -7.93 44.73
N ARG A 95 6.13 -8.36 45.97
CA ARG A 95 4.88 -8.09 46.71
C ARG A 95 4.55 -6.62 46.87
N VAL A 96 5.59 -5.80 47.05
CA VAL A 96 5.43 -4.35 47.16
C VAL A 96 4.68 -3.76 45.96
N THR A 97 4.97 -4.26 44.76
CA THR A 97 4.33 -3.76 43.53
C THR A 97 2.82 -4.09 43.40
N TYR A 98 2.38 -5.20 43.99
CA TYR A 98 0.93 -5.46 44.06
C TYR A 98 0.31 -4.62 45.14
N LYS A 99 1.07 -4.37 46.20
CA LYS A 99 0.63 -3.56 47.32
C LYS A 99 0.43 -2.12 46.92
N ASN A 100 1.14 -1.66 45.88
CA ASN A 100 1.04 -0.27 45.43
C ASN A 100 -0.05 0.00 44.40
N VAL A 101 -0.62 -1.08 43.85
CA VAL A 101 -1.66 -1.03 42.83
C VAL A 101 -2.85 -0.10 43.16
N PRO A 102 -3.45 -0.23 44.36
CA PRO A 102 -4.55 0.68 44.73
C PRO A 102 -4.23 2.17 44.54
N ASN A 103 -3.02 2.58 44.88
CA ASN A 103 -2.56 3.96 44.62
C ASN A 103 -2.46 4.28 43.13
N TRP A 104 -2.07 3.29 42.32
CA TRP A 104 -2.03 3.53 40.87
C TRP A 104 -3.40 3.78 40.34
N HIS A 105 -4.36 2.97 40.80
CA HIS A 105 -5.75 3.10 40.37
C HIS A 105 -6.32 4.41 40.78
N ARG A 106 -6.15 4.73 42.06
CA ARG A 106 -6.59 5.98 42.63
C ARG A 106 -6.07 7.16 41.80
N ASP A 107 -4.77 7.13 41.50
CA ASP A 107 -4.10 8.20 40.74
C ASP A 107 -4.70 8.36 39.34
N LEU A 108 -5.09 7.25 38.73
CA LEU A 108 -5.74 7.28 37.43
C LEU A 108 -7.16 7.83 37.48
N VAL A 109 -7.97 7.32 38.42
CA VAL A 109 -9.37 7.69 38.49
C VAL A 109 -9.58 9.12 38.95
N ARG A 110 -8.61 9.69 39.65
CA ARG A 110 -8.78 11.07 40.09
C ARG A 110 -8.51 12.07 38.98
N VAL A 111 -8.01 11.60 37.84
CA VAL A 111 -7.84 12.51 36.69
C VAL A 111 -8.77 12.17 35.49
N CYS A 112 -9.06 10.89 35.31
CA CYS A 112 -10.05 10.43 34.33
C CYS A 112 -10.91 9.33 34.95
N GLU A 113 -12.15 9.69 35.27
CA GLU A 113 -13.04 8.86 36.10
C GLU A 113 -13.29 7.47 35.49
N ASN A 114 -14.22 7.42 34.54
CA ASN A 114 -14.76 6.18 34.00
C ASN A 114 -14.04 5.69 32.74
N ILE A 115 -12.74 5.47 32.83
CA ILE A 115 -11.98 4.91 31.70
C ILE A 115 -11.67 3.43 31.93
N PRO A 116 -11.73 2.61 30.86
CA PRO A 116 -11.45 1.18 30.95
C PRO A 116 -9.98 0.91 31.34
N ILE A 117 -9.79 0.09 32.37
CA ILE A 117 -8.47 -0.15 32.94
C ILE A 117 -8.24 -1.65 33.09
N VAL A 118 -7.03 -2.08 32.75
CA VAL A 118 -6.63 -3.48 32.89
C VAL A 118 -5.57 -3.56 33.97
N LEU A 119 -5.67 -4.57 34.82
CA LEU A 119 -4.63 -4.89 35.77
C LEU A 119 -3.86 -6.08 35.23
N CYS A 120 -2.53 -5.96 35.22
CA CYS A 120 -1.65 -7.00 34.71
C CYS A 120 -0.63 -7.42 35.74
N GLY A 121 -0.55 -8.73 35.97
CA GLY A 121 0.51 -9.29 36.78
C GLY A 121 1.64 -9.88 35.97
N ASN A 122 2.57 -9.03 35.54
CA ASN A 122 3.72 -9.43 34.71
C ASN A 122 4.61 -10.48 35.36
N LYS A 123 5.47 -11.09 34.56
CA LYS A 123 6.54 -11.98 35.04
C LYS A 123 6.09 -13.35 35.57
N VAL A 124 4.98 -13.87 35.06
CA VAL A 124 4.46 -15.18 35.50
C VAL A 124 5.32 -16.36 35.03
N ASP A 125 6.29 -16.08 34.16
CA ASP A 125 7.22 -17.09 33.65
C ASP A 125 8.12 -17.66 34.75
N ILE A 126 8.41 -16.84 35.77
CA ILE A 126 9.24 -17.26 36.90
C ILE A 126 8.53 -18.33 37.75
N LYS A 127 9.23 -19.45 37.95
CA LYS A 127 8.67 -20.70 38.52
C LYS A 127 7.90 -20.55 39.83
N ASP A 128 8.36 -19.65 40.71
CA ASP A 128 7.78 -19.50 42.04
C ASP A 128 7.37 -18.05 42.35
N ARG A 129 6.06 -17.81 42.25
CA ARG A 129 5.46 -16.49 42.47
C ARG A 129 5.59 -16.04 43.93
N LYS A 130 5.96 -14.79 44.15
CA LYS A 130 5.92 -14.23 45.49
C LYS A 130 4.54 -13.64 45.74
N VAL A 131 3.77 -13.42 44.67
CA VAL A 131 2.38 -12.98 44.73
C VAL A 131 1.48 -14.06 44.11
N LYS A 132 0.89 -14.91 44.95
CA LYS A 132 0.04 -16.01 44.48
C LYS A 132 -1.22 -15.49 43.82
N ALA A 133 -1.83 -16.33 42.98
CA ALA A 133 -3.10 -16.02 42.34
C ALA A 133 -4.15 -15.57 43.35
N LYS A 134 -4.26 -16.28 44.48
CA LYS A 134 -5.28 -15.99 45.49
C LYS A 134 -5.04 -14.73 46.34
N SER A 135 -3.96 -14.01 46.07
CA SER A 135 -3.66 -12.75 46.74
C SER A 135 -3.96 -11.56 45.83
N ILE A 136 -4.19 -11.86 44.55
CA ILE A 136 -4.56 -10.86 43.56
C ILE A 136 -6.07 -10.73 43.56
N VAL A 137 -6.56 -9.63 44.11
CA VAL A 137 -7.98 -9.45 44.37
C VAL A 137 -8.47 -8.04 44.04
N PHE A 138 -7.56 -7.11 43.79
CA PHE A 138 -7.94 -5.70 43.60
C PHE A 138 -8.90 -5.46 42.42
N HIS A 139 -8.66 -6.17 41.31
CA HIS A 139 -9.54 -6.12 40.15
C HIS A 139 -10.95 -6.54 40.47
N ARG A 140 -11.12 -7.26 41.56
CA ARG A 140 -12.45 -7.68 41.98
C ARG A 140 -13.18 -6.56 42.71
N LYS A 141 -12.47 -5.84 43.56
CA LYS A 141 -13.12 -4.76 44.29
C LYS A 141 -13.36 -3.53 43.41
N LYS A 142 -12.59 -3.42 42.33
CA LYS A 142 -12.71 -2.26 41.43
C LYS A 142 -13.28 -2.58 40.05
N ASN A 143 -13.81 -3.81 39.89
CA ASN A 143 -14.35 -4.36 38.64
C ASN A 143 -13.48 -4.17 37.39
N LEU A 144 -12.17 -4.34 37.58
CA LEU A 144 -11.20 -4.21 36.50
C LEU A 144 -10.97 -5.55 35.83
N GLN A 145 -10.46 -5.53 34.61
CA GLN A 145 -10.05 -6.75 33.93
C GLN A 145 -8.63 -7.11 34.37
N TYR A 146 -8.43 -8.37 34.72
CA TYR A 146 -7.12 -8.85 35.11
C TYR A 146 -6.54 -9.85 34.11
N TYR A 147 -5.21 -9.80 33.96
CA TYR A 147 -4.45 -10.83 33.25
C TYR A 147 -3.09 -11.08 33.92
N ASP A 148 -2.77 -12.36 34.11
CA ASP A 148 -1.39 -12.79 34.28
C ASP A 148 -0.73 -12.59 32.95
N ILE A 149 0.40 -11.92 32.93
CA ILE A 149 1.13 -11.74 31.68
C ILE A 149 2.61 -12.03 31.88
N SER A 150 3.34 -12.13 30.77
CA SER A 150 4.79 -12.21 30.78
C SER A 150 5.33 -11.62 29.49
N ALA A 151 6.14 -10.58 29.62
CA ALA A 151 6.83 -10.00 28.49
C ALA A 151 7.97 -10.93 28.07
N LYS A 152 8.31 -11.89 28.92
CA LYS A 152 9.36 -12.86 28.59
C LYS A 152 8.88 -13.95 27.66
N SER A 153 7.75 -14.55 27.99
CA SER A 153 7.25 -15.72 27.26
C SER A 153 6.04 -15.41 26.39
N ASN A 154 5.69 -14.14 26.27
CA ASN A 154 4.54 -13.73 25.46
C ASN A 154 3.15 -14.13 26.03
N TYR A 155 3.14 -14.85 27.15
CA TYR A 155 1.89 -15.27 27.78
C TYR A 155 0.90 -14.12 27.96
N ASN A 156 -0.31 -14.31 27.41
CA ASN A 156 -1.38 -13.31 27.45
C ASN A 156 -0.97 -11.89 27.02
N PHE A 157 0.16 -11.75 26.34
CA PHE A 157 0.75 -10.42 26.10
C PHE A 157 -0.05 -9.53 25.13
N GLU A 158 -0.88 -10.16 24.29
CA GLU A 158 -1.82 -9.42 23.44
C GLU A 158 -3.10 -9.01 24.16
N LYS A 159 -3.45 -9.75 25.23
CA LYS A 159 -4.74 -9.58 25.90
C LYS A 159 -5.11 -8.14 26.35
N PRO A 160 -4.17 -7.42 27.01
CA PRO A 160 -4.59 -6.11 27.48
C PRO A 160 -5.09 -5.23 26.34
N PHE A 161 -4.44 -5.33 25.18
CA PHE A 161 -4.76 -4.49 24.05
C PHE A 161 -6.07 -4.87 23.39
N LEU A 162 -6.25 -6.17 23.15
CA LEU A 162 -7.50 -6.73 22.67
C LEU A 162 -8.64 -6.28 23.55
N TRP A 163 -8.58 -6.61 24.84
CA TRP A 163 -9.66 -6.27 25.74
C TRP A 163 -9.98 -4.79 25.71
N LEU A 164 -8.96 -3.94 25.81
CA LEU A 164 -9.20 -2.51 25.75
C LEU A 164 -9.75 -2.11 24.41
N ALA A 165 -9.18 -2.66 23.34
CA ALA A 165 -9.66 -2.40 21.97
C ALA A 165 -11.15 -2.66 21.89
N ARG A 166 -11.57 -3.79 22.42
CA ARG A 166 -12.96 -4.19 22.42
C ARG A 166 -13.87 -3.15 23.09
N LYS A 167 -13.41 -2.62 24.22
CA LYS A 167 -14.16 -1.62 24.97
C LYS A 167 -14.21 -0.25 24.30
N LEU A 168 -13.07 0.32 23.93
CA LEU A 168 -13.01 1.63 23.27
CA LEU A 168 -13.09 1.65 23.31
C LEU A 168 -13.70 1.69 21.90
N ILE A 169 -13.59 0.60 21.15
CA ILE A 169 -14.22 0.46 19.83
C ILE A 169 -15.72 0.18 20.00
N GLY A 170 -16.03 -0.61 21.02
CA GLY A 170 -17.42 -0.94 21.33
C GLY A 170 -17.87 -2.22 20.68
N ASP A 171 -16.94 -3.13 20.43
CA ASP A 171 -17.22 -4.44 19.81
C ASP A 171 -16.56 -5.57 20.60
N PRO A 172 -17.37 -6.32 21.38
CA PRO A 172 -16.83 -7.31 22.31
C PRO A 172 -16.32 -8.55 21.60
N ASN A 173 -16.66 -8.68 20.31
CA ASN A 173 -16.22 -9.80 19.47
C ASN A 173 -15.08 -9.39 18.53
N LEU A 174 -14.53 -8.19 18.73
CA LEU A 174 -13.44 -7.71 17.89
C LEU A 174 -12.28 -8.68 18.00
N GLU A 175 -11.69 -9.00 16.86
CA GLU A 175 -10.59 -9.96 16.79
C GLU A 175 -9.41 -9.33 16.10
N PHE A 176 -8.23 -9.59 16.64
CA PHE A 176 -6.99 -9.20 15.95
C PHE A 176 -6.85 -10.07 14.72
N VAL A 177 -6.55 -9.44 13.59
CA VAL A 177 -6.34 -10.19 12.34
C VAL A 177 -4.92 -10.00 11.82
N ALA A 178 -4.52 -10.89 10.90
CA ALA A 178 -3.17 -10.87 10.32
C ALA A 178 -2.87 -9.52 9.65
N MET A 179 -1.73 -8.96 9.99
CA MET A 179 -1.24 -7.77 9.35
C MET A 179 -0.97 -8.06 7.86
N PRO A 180 -1.62 -7.30 6.97
CA PRO A 180 -1.42 -7.52 5.54
C PRO A 180 0.07 -7.41 5.19
N ALA A 181 0.56 -8.39 4.45
CA ALA A 181 1.98 -8.46 4.06
C ALA A 181 2.23 -7.77 2.74
N LEU A 182 2.50 -6.48 2.80
CA LEU A 182 2.93 -5.72 1.63
C LEU A 182 4.12 -6.38 0.93
N ALA A 183 4.21 -6.15 -0.39
CA ALA A 183 5.33 -6.63 -1.20
C ALA A 183 6.65 -5.95 -0.80
N PRO A 184 7.69 -6.75 -0.46
CA PRO A 184 8.98 -6.21 0.00
C PRO A 184 9.82 -5.56 -1.13
N PRO A 185 11.14 -5.40 -0.91
CA PRO A 185 11.93 -4.38 -1.62
C PRO A 185 11.91 -4.43 -3.15
N GLU A 186 12.37 -5.54 -3.71
CA GLU A 186 12.70 -5.62 -5.13
C GLU A 186 11.48 -5.93 -5.99
N GLY B 15 -16.76 -7.32 32.68
CA GLY B 15 -18.23 -7.27 32.99
C GLY B 15 -18.94 -5.96 32.70
N PRO B 16 -18.54 -4.87 33.38
CA PRO B 16 -19.21 -3.57 33.28
C PRO B 16 -19.05 -2.88 31.92
N HIS B 17 -19.92 -1.90 31.67
CA HIS B 17 -19.99 -1.23 30.36
C HIS B 17 -19.32 0.11 30.30
N PHE B 18 -18.59 0.36 29.21
CA PHE B 18 -17.91 1.63 28.97
C PHE B 18 -18.44 2.21 27.67
N GLU B 19 -18.43 3.53 27.55
CA GLU B 19 -18.78 4.12 26.27
C GLU B 19 -17.59 4.09 25.31
N PRO B 20 -17.85 3.66 24.06
CA PRO B 20 -16.82 3.65 23.02
C PRO B 20 -16.48 5.08 22.63
N VAL B 21 -15.20 5.36 22.39
CA VAL B 21 -14.72 6.72 22.20
C VAL B 21 -14.53 7.07 20.71
N VAL B 22 -15.04 6.20 19.85
CA VAL B 22 -14.80 6.30 18.42
C VAL B 22 -15.99 5.76 17.62
N PRO B 23 -16.32 6.42 16.49
CA PRO B 23 -17.31 5.84 15.57
C PRO B 23 -16.92 4.40 15.22
N LEU B 24 -17.80 3.45 15.53
CA LEU B 24 -17.58 2.02 15.25
C LEU B 24 -17.42 1.72 13.74
N PRO B 25 -16.17 1.43 13.30
CA PRO B 25 -15.93 1.24 11.86
C PRO B 25 -16.58 -0.04 11.33
N ASP B 26 -16.84 -0.07 10.03
CA ASP B 26 -17.42 -1.24 9.40
C ASP B 26 -16.41 -2.37 9.38
N LYS B 27 -16.90 -3.59 9.54
CA LYS B 27 -16.13 -4.80 9.24
C LYS B 27 -15.60 -4.76 7.81
N ILE B 28 -14.36 -5.17 7.64
CA ILE B 28 -13.75 -5.20 6.31
C ILE B 28 -13.48 -6.66 5.90
N GLU B 29 -13.25 -6.92 4.62
CA GLU B 29 -12.88 -8.27 4.24
C GLU B 29 -11.43 -8.51 4.65
N VAL B 30 -11.17 -9.70 5.20
CA VAL B 30 -9.84 -10.06 5.66
C VAL B 30 -8.88 -10.16 4.47
N LYS B 31 -7.88 -9.27 4.46
CA LYS B 31 -6.89 -9.19 3.39
C LYS B 31 -5.49 -9.48 3.94
N THR B 32 -4.91 -10.61 3.55
CA THR B 32 -3.60 -11.02 4.09
C THR B 32 -2.38 -10.48 3.33
N GLY B 33 -2.57 -10.17 2.05
CA GLY B 33 -1.47 -9.76 1.17
C GLY B 33 -0.82 -10.96 0.52
N GLU B 34 -1.29 -12.15 0.88
CA GLU B 34 -0.75 -13.43 0.39
C GLU B 34 -1.65 -14.17 -0.57
N GLU B 35 -2.81 -13.61 -0.92
CA GLU B 35 -3.77 -14.33 -1.77
C GLU B 35 -3.32 -14.58 -3.21
N ASP B 36 -2.20 -13.96 -3.60
CA ASP B 36 -1.64 -14.15 -4.94
C ASP B 36 -0.44 -15.09 -4.96
N GLU B 37 -0.16 -15.70 -3.80
CA GLU B 37 0.98 -16.61 -3.64
C GLU B 37 0.53 -18.00 -3.19
N GLU B 38 1.44 -18.97 -3.31
CA GLU B 38 1.23 -20.31 -2.79
C GLU B 38 2.36 -20.67 -1.83
N GLU B 39 2.03 -21.46 -0.80
CA GLU B 39 2.99 -21.87 0.22
C GLU B 39 3.88 -22.97 -0.29
N PHE B 40 5.18 -22.87 0.01
CA PHE B 40 6.11 -23.97 -0.18
C PHE B 40 6.40 -24.61 1.18
N PHE B 41 6.39 -23.76 2.20
CA PHE B 41 6.79 -24.13 3.56
C PHE B 41 6.01 -23.27 4.57
N CYS B 42 5.51 -23.93 5.62
CA CYS B 42 4.82 -23.27 6.71
C CYS B 42 5.11 -24.04 7.99
N ASN B 43 5.69 -23.33 8.96
CA ASN B 43 6.12 -23.93 10.22
C ASN B 43 6.42 -22.86 11.26
N ARG B 44 6.10 -23.12 12.53
CA ARG B 44 6.47 -22.18 13.58
C ARG B 44 7.94 -22.26 13.97
N ALA B 45 8.47 -21.14 14.43
CA ALA B 45 9.90 -21.02 14.62
C ALA B 45 10.11 -19.83 15.51
N LYS B 46 11.36 -19.65 15.97
CA LYS B 46 11.70 -18.48 16.75
C LYS B 46 12.73 -17.69 15.96
N LEU B 47 12.48 -16.38 15.84
CA LEU B 47 13.33 -15.51 15.03
C LEU B 47 14.11 -14.48 15.84
N PHE B 48 15.36 -14.30 15.45
CA PHE B 48 16.24 -13.38 16.13
C PHE B 48 16.82 -12.46 15.09
N ARG B 49 17.23 -11.30 15.56
CA ARG B 49 17.77 -10.27 14.73
C ARG B 49 19.01 -9.82 15.50
N PHE B 50 20.13 -9.70 14.80
CA PHE B 50 21.37 -9.34 15.47
C PHE B 50 21.42 -7.83 15.54
N ASP B 51 21.64 -7.32 16.75
CA ASP B 51 21.81 -5.89 16.96
C ASP B 51 23.28 -5.53 16.72
N VAL B 52 23.52 -4.79 15.64
CA VAL B 52 24.87 -4.38 15.25
C VAL B 52 25.57 -3.58 16.34
N GLU B 53 24.85 -2.63 16.95
CA GLU B 53 25.44 -1.75 17.97
C GLU B 53 25.84 -2.52 19.24
N SER B 54 24.87 -3.18 19.88
CA SER B 54 25.15 -3.91 21.12
C SER B 54 25.90 -5.21 20.86
N LYS B 55 25.84 -5.67 19.61
CA LYS B 55 26.56 -6.89 19.19
C LYS B 55 26.02 -8.11 19.94
N GLU B 56 24.70 -8.24 19.93
CA GLU B 56 24.02 -9.34 20.57
C GLU B 56 22.81 -9.72 19.73
N TRP B 57 22.38 -10.96 19.86
CA TRP B 57 21.12 -11.40 19.31
C TRP B 57 19.99 -10.83 20.10
N LYS B 58 18.95 -10.39 19.40
CA LYS B 58 17.70 -9.97 20.02
C LYS B 58 16.57 -10.77 19.40
N GLU B 59 15.61 -11.13 20.22
CA GLU B 59 14.44 -11.85 19.76
C GLU B 59 13.63 -10.94 18.82
N ARG B 60 13.12 -11.51 17.73
CA ARG B 60 12.31 -10.74 16.79
C ARG B 60 10.87 -11.23 16.78
N GLY B 61 10.67 -12.52 17.03
CA GLY B 61 9.33 -13.10 17.01
C GLY B 61 9.25 -14.62 17.01
N ILE B 62 8.09 -15.12 17.41
CA ILE B 62 7.73 -16.53 17.35
C ILE B 62 6.40 -16.66 16.59
N GLY B 63 6.33 -17.60 15.67
CA GLY B 63 5.14 -17.80 14.84
C GLY B 63 5.49 -18.60 13.60
N ASN B 64 4.63 -18.57 12.60
CA ASN B 64 4.83 -19.38 11.40
C ASN B 64 5.70 -18.73 10.34
N VAL B 65 6.82 -19.37 10.01
CA VAL B 65 7.61 -18.98 8.85
C VAL B 65 6.95 -19.59 7.64
N LYS B 66 6.87 -18.79 6.59
CA LYS B 66 6.33 -19.28 5.34
C LYS B 66 7.30 -18.92 4.23
N ILE B 67 7.45 -19.83 3.30
CA ILE B 67 8.14 -19.53 2.05
C ILE B 67 7.02 -19.50 1.00
N LEU B 68 6.87 -18.36 0.33
CA LEU B 68 5.78 -18.18 -0.61
C LEU B 68 6.27 -17.84 -2.00
N ARG B 69 5.67 -18.45 -3.01
CA ARG B 69 5.99 -18.07 -4.37
C ARG B 69 4.78 -17.41 -5.02
N HIS B 70 5.01 -16.22 -5.57
CA HIS B 70 3.97 -15.52 -6.30
C HIS B 70 3.61 -16.33 -7.51
N LYS B 71 2.32 -16.47 -7.76
CA LYS B 71 1.84 -17.37 -8.80
C LYS B 71 2.09 -16.85 -10.22
N THR B 72 2.32 -15.54 -10.35
CA THR B 72 2.49 -14.93 -11.66
C THR B 72 3.94 -14.52 -11.90
N SER B 73 4.53 -13.84 -10.92
CA SER B 73 5.89 -13.34 -11.06
C SER B 73 6.93 -14.43 -10.79
N GLY B 74 6.54 -15.42 -10.00
CA GLY B 74 7.45 -16.50 -9.64
C GLY B 74 8.46 -16.06 -8.59
N LYS B 75 8.27 -14.87 -8.04
CA LYS B 75 9.09 -14.36 -6.96
C LYS B 75 8.83 -15.16 -5.70
N ILE B 76 9.89 -15.42 -4.93
CA ILE B 76 9.77 -16.19 -3.70
C ILE B 76 10.25 -15.36 -2.52
N ARG B 77 9.40 -15.26 -1.51
CA ARG B 77 9.78 -14.53 -0.32
C ARG B 77 9.60 -15.37 0.94
N LEU B 78 10.19 -14.87 2.03
CA LEU B 78 10.02 -15.46 3.34
C LEU B 78 9.09 -14.55 4.15
N LEU B 79 8.12 -15.13 4.82
CA LEU B 79 7.19 -14.32 5.58
C LEU B 79 6.90 -14.92 6.95
N MET B 80 6.95 -14.07 7.98
CA MET B 80 6.69 -14.53 9.34
C MET B 80 5.85 -13.53 10.15
N ARG B 81 4.87 -14.08 10.86
CA ARG B 81 3.93 -13.29 11.67
C ARG B 81 4.05 -13.76 13.10
N ARG B 82 4.08 -12.82 14.04
CA ARG B 82 4.13 -13.14 15.46
C ARG B 82 2.77 -13.67 15.88
N GLU B 83 2.75 -14.75 16.67
CA GLU B 83 1.45 -15.28 17.06
C GLU B 83 0.77 -14.41 18.12
N GLN B 84 -0.55 -14.51 18.20
CA GLN B 84 -1.39 -13.74 19.15
C GLN B 84 -1.59 -12.28 18.72
N VAL B 85 -0.50 -11.58 18.43
CA VAL B 85 -0.54 -10.18 17.97
C VAL B 85 -0.57 -10.04 16.44
N LEU B 86 -0.04 -11.07 15.76
CA LEU B 86 -0.11 -11.24 14.29
C LEU B 86 0.56 -10.14 13.47
N LYS B 87 1.51 -9.45 14.09
CA LYS B 87 2.39 -8.52 13.39
C LYS B 87 3.43 -9.29 12.56
N ILE B 88 3.86 -8.72 11.44
CA ILE B 88 4.93 -9.29 10.64
C ILE B 88 6.27 -9.05 11.32
N CYS B 89 7.07 -10.11 11.39
CA CYS B 89 8.39 -10.03 12.00
C CYS B 89 9.49 -10.43 11.04
N ALA B 90 9.11 -10.72 9.79
CA ALA B 90 10.06 -10.97 8.67
C ALA B 90 9.31 -10.92 7.34
N ASN B 91 9.88 -10.24 6.36
CA ASN B 91 9.28 -10.13 5.06
C ASN B 91 10.27 -9.69 3.99
N HIS B 92 10.82 -10.66 3.26
CA HIS B 92 11.86 -10.39 2.29
C HIS B 92 11.93 -11.44 1.23
N TYR B 93 12.28 -11.01 0.02
CA TYR B 93 12.52 -11.93 -1.07
C TYR B 93 13.75 -12.77 -0.79
N ILE B 94 13.64 -14.06 -1.08
CA ILE B 94 14.77 -14.96 -1.01
C ILE B 94 15.61 -14.70 -2.24
N SER B 95 16.91 -14.62 -2.04
CA SER B 95 17.83 -14.35 -3.11
C SER B 95 18.73 -15.56 -3.30
N PRO B 96 19.13 -15.85 -4.55
CA PRO B 96 20.13 -16.90 -4.77
C PRO B 96 21.44 -16.59 -4.06
N ASP B 97 21.77 -15.31 -3.91
CA ASP B 97 22.97 -14.86 -3.18
C ASP B 97 22.97 -15.17 -1.68
N MET B 98 21.80 -15.38 -1.09
CA MET B 98 21.71 -15.73 0.33
C MET B 98 22.36 -17.08 0.64
N LYS B 99 22.94 -17.18 1.84
CA LYS B 99 23.51 -18.41 2.35
C LYS B 99 22.95 -18.67 3.75
N LEU B 100 22.35 -19.85 3.94
CA LEU B 100 21.91 -20.31 5.26
C LEU B 100 23.05 -21.03 5.92
N THR B 101 23.45 -20.55 7.10
CA THR B 101 24.64 -21.07 7.75
C THR B 101 24.26 -21.64 9.10
N PRO B 102 24.33 -22.98 9.24
CA PRO B 102 23.98 -23.60 10.51
C PRO B 102 24.77 -22.98 11.64
N ASN B 103 24.21 -22.98 12.84
CA ASN B 103 24.97 -22.55 13.98
C ASN B 103 25.89 -23.68 14.45
N ALA B 104 27.09 -23.31 14.91
CA ALA B 104 28.04 -24.28 15.41
C ALA B 104 27.36 -25.24 16.37
N GLY B 105 27.50 -26.53 16.09
CA GLY B 105 26.93 -27.60 16.91
C GLY B 105 25.42 -27.67 16.94
N SER B 106 24.75 -26.78 16.20
CA SER B 106 23.29 -26.74 16.19
C SER B 106 22.74 -27.12 14.82
N ASP B 107 21.95 -28.18 14.80
CA ASP B 107 21.20 -28.59 13.62
C ASP B 107 19.72 -28.16 13.70
N ARG B 108 19.42 -27.21 14.59
CA ARG B 108 18.08 -26.70 14.71
C ARG B 108 17.97 -25.26 14.24
N SER B 109 19.09 -24.66 13.84
CA SER B 109 19.09 -23.24 13.49
C SER B 109 20.03 -22.85 12.36
N PHE B 110 19.72 -21.72 11.73
CA PHE B 110 20.47 -21.19 10.59
C PHE B 110 20.52 -19.67 10.70
N VAL B 111 21.55 -19.07 10.11
CA VAL B 111 21.59 -17.60 9.99
C VAL B 111 21.76 -17.13 8.54
N TRP B 112 21.12 -16.02 8.18
CA TRP B 112 21.31 -15.42 6.87
C TRP B 112 21.08 -13.94 6.89
N HIS B 113 21.50 -13.26 5.83
CA HIS B 113 21.27 -11.84 5.66
C HIS B 113 20.12 -11.59 4.74
N ALA B 114 19.36 -10.52 4.98
CA ALA B 114 18.21 -10.18 4.14
C ALA B 114 17.85 -8.70 4.21
N LEU B 115 17.34 -8.18 3.10
CA LEU B 115 16.75 -6.84 3.06
C LEU B 115 15.28 -6.97 3.48
N ASP B 116 15.01 -6.80 4.77
CA ASP B 116 13.71 -7.14 5.37
C ASP B 116 12.75 -5.98 5.46
N TYR B 117 11.46 -6.29 5.32
CA TYR B 117 10.41 -5.29 5.25
C TYR B 117 9.32 -5.50 6.32
N ALA B 118 9.67 -6.10 7.46
CA ALA B 118 8.71 -6.32 8.57
C ALA B 118 8.12 -5.05 9.15
N ASP B 119 8.97 -4.06 9.40
CA ASP B 119 8.52 -2.78 9.91
C ASP B 119 7.96 -1.89 8.80
N GLU B 120 7.67 -2.50 7.64
CA GLU B 120 7.21 -1.79 6.44
C GLU B 120 8.26 -0.79 5.98
N LEU B 121 9.50 -1.04 6.35
CA LEU B 121 10.64 -0.21 5.96
C LEU B 121 11.82 -1.14 5.64
N PRO B 122 12.54 -0.82 4.54
CA PRO B 122 13.60 -1.70 4.04
C PRO B 122 14.84 -1.66 4.94
N LYS B 123 15.08 -2.75 5.65
CA LYS B 123 16.19 -2.82 6.59
C LYS B 123 17.05 -4.04 6.29
N PRO B 124 18.33 -3.82 5.97
CA PRO B 124 19.25 -4.96 5.97
C PRO B 124 19.33 -5.58 7.37
N GLU B 125 19.25 -6.90 7.44
CA GLU B 125 19.35 -7.58 8.72
C GLU B 125 20.07 -8.91 8.61
N GLN B 126 20.80 -9.29 9.66
CA GLN B 126 21.16 -10.69 9.80
C GLN B 126 20.21 -11.36 10.80
N LEU B 127 19.68 -12.50 10.38
CA LEU B 127 18.60 -13.14 11.08
C LEU B 127 19.03 -14.54 11.49
N ALA B 128 18.55 -14.97 12.65
CA ALA B 128 18.70 -16.35 13.07
C ALA B 128 17.32 -16.94 13.23
N ILE B 129 17.14 -18.16 12.76
CA ILE B 129 15.89 -18.87 12.94
C ILE B 129 16.13 -20.23 13.59
N ARG B 130 15.39 -20.52 14.66
CA ARG B 130 15.53 -21.79 15.35
C ARG B 130 14.24 -22.59 15.27
N PHE B 131 14.37 -23.88 15.00
CA PHE B 131 13.25 -24.81 15.01
C PHE B 131 13.35 -25.74 16.21
N LYS B 132 12.21 -26.33 16.58
CA LYS B 132 12.12 -27.15 17.78
C LYS B 132 12.78 -28.52 17.61
N THR B 133 12.55 -29.14 16.45
CA THR B 133 13.20 -30.41 16.10
C THR B 133 14.12 -30.25 14.89
N PRO B 134 15.22 -31.03 14.84
CA PRO B 134 16.11 -30.89 13.69
C PRO B 134 15.41 -31.29 12.39
N GLU B 135 14.35 -32.10 12.52
CA GLU B 135 13.51 -32.47 11.37
C GLU B 135 12.82 -31.25 10.77
N GLU B 136 12.31 -30.36 11.63
CA GLU B 136 11.64 -29.14 11.18
C GLU B 136 12.62 -28.20 10.51
N ALA B 137 13.85 -28.18 11.02
CA ALA B 137 14.91 -27.35 10.48
C ALA B 137 15.34 -27.83 9.10
N ALA B 138 15.58 -29.13 8.98
CA ALA B 138 15.99 -29.73 7.71
C ALA B 138 14.98 -29.47 6.58
N LEU B 139 13.68 -29.54 6.88
CA LEU B 139 12.67 -29.26 5.86
C LEU B 139 12.71 -27.78 5.44
N PHE B 140 13.05 -26.90 6.38
CA PHE B 140 13.21 -25.48 6.10
C PHE B 140 14.41 -25.25 5.21
N LYS B 141 15.57 -25.79 5.59
CA LYS B 141 16.75 -25.69 4.77
C LYS B 141 16.39 -26.16 3.37
N CYS B 142 15.97 -27.42 3.28
CA CYS B 142 15.56 -28.04 2.04
C CYS B 142 14.69 -27.13 1.17
N LYS B 143 13.57 -26.65 1.71
CA LYS B 143 12.66 -25.80 0.94
C LYS B 143 13.28 -24.45 0.61
N PHE B 144 13.90 -23.83 1.60
CA PHE B 144 14.66 -22.59 1.43
C PHE B 144 15.63 -22.71 0.26
N GLU B 145 16.52 -23.69 0.34
CA GLU B 145 17.53 -23.90 -0.71
C GLU B 145 16.88 -24.34 -2.03
N GLU B 146 15.83 -25.15 -1.95
CA GLU B 146 15.07 -25.53 -3.16
C GLU B 146 14.44 -24.31 -3.82
N ALA B 147 13.97 -23.35 -3.02
CA ALA B 147 13.47 -22.10 -3.55
C ALA B 147 14.56 -21.37 -4.33
N GLN B 148 15.78 -21.42 -3.78
CA GLN B 148 16.97 -20.86 -4.43
C GLN B 148 17.42 -21.58 -5.72
N SER B 149 17.01 -22.84 -5.91
CA SER B 149 17.25 -23.58 -7.16
C SER B 149 16.82 -22.76 -8.36
N ILE B 150 15.78 -21.96 -8.17
CA ILE B 150 15.53 -20.81 -9.02
C ILE B 150 16.30 -19.65 -8.33
N LEU B 151 17.31 -19.06 -8.96
CA LEU B 151 17.33 -18.78 -10.41
C LEU B 151 18.45 -19.37 -11.30
N LYS B 152 18.18 -19.31 -12.62
CA LYS B 152 19.10 -19.60 -13.77
C LYS B 152 19.18 -21.03 -14.35
N ALA B 153 20.31 -21.68 -14.13
CA ALA B 153 20.65 -22.96 -14.78
C ALA B 153 21.59 -22.72 -15.96
N GLN C 8 -1.92 -14.03 -20.39
CA GLN C 8 -1.57 -12.60 -20.16
C GLN C 8 -0.38 -12.16 -21.03
N VAL C 9 -0.60 -11.11 -21.82
CA VAL C 9 0.43 -10.58 -22.72
C VAL C 9 0.94 -9.26 -22.17
N GLN C 10 2.23 -9.21 -21.86
CA GLN C 10 2.81 -8.00 -21.28
C GLN C 10 4.25 -7.68 -21.72
N PHE C 11 4.66 -6.44 -21.50
CA PHE C 11 6.00 -6.01 -21.88
C PHE C 11 6.65 -5.19 -20.78
N LYS C 12 7.97 -5.32 -20.67
CA LYS C 12 8.71 -4.49 -19.72
C LYS C 12 9.19 -3.22 -20.43
N LEU C 13 8.82 -2.07 -19.87
CA LEU C 13 9.12 -0.76 -20.43
C LEU C 13 9.92 0.04 -19.40
N VAL C 14 11.13 0.42 -19.76
CA VAL C 14 11.87 1.35 -18.90
C VAL C 14 11.73 2.77 -19.44
N LEU C 15 11.48 3.69 -18.54
CA LEU C 15 11.19 5.05 -18.92
C LEU C 15 12.30 5.84 -18.30
N VAL C 16 13.07 6.53 -19.15
CA VAL C 16 14.26 7.22 -18.69
C VAL C 16 14.27 8.66 -19.18
N GLY C 17 15.13 9.47 -18.56
CA GLY C 17 15.21 10.88 -18.89
C GLY C 17 15.58 11.70 -17.69
N ASP C 18 16.00 12.93 -17.94
CA ASP C 18 16.42 13.84 -16.88
C ASP C 18 15.31 14.06 -15.89
N GLY C 19 15.66 14.30 -14.62
CA GLY C 19 14.69 14.74 -13.63
C GLY C 19 13.94 15.98 -14.09
N GLY C 20 12.62 15.99 -13.84
CA GLY C 20 11.80 17.16 -14.11
C GLY C 20 11.21 17.18 -15.50
N THR C 21 11.41 16.08 -16.24
CA THR C 21 11.00 16.06 -17.65
C THR C 21 9.55 15.66 -17.81
N GLY C 22 8.99 15.01 -16.79
CA GLY C 22 7.57 14.64 -16.78
C GLY C 22 7.32 13.14 -16.97
N LYS C 23 8.30 12.33 -16.61
CA LYS C 23 8.17 10.88 -16.67
C LYS C 23 7.06 10.39 -15.73
N THR C 24 7.16 10.69 -14.45
CA THR C 24 6.13 10.28 -13.47
C THR C 24 4.75 10.87 -13.84
N THR C 25 4.74 12.14 -14.25
CA THR C 25 3.52 12.83 -14.64
C THR C 25 2.81 12.13 -15.80
N PHE C 26 3.60 11.72 -16.79
CA PHE C 26 3.12 10.97 -17.96
C PHE C 26 2.52 9.62 -17.52
N VAL C 27 3.23 8.89 -16.66
CA VAL C 27 2.73 7.63 -16.11
C VAL C 27 1.44 7.84 -15.30
N LYS C 28 1.39 8.88 -14.48
CA LYS C 28 0.21 9.17 -13.65
C LYS C 28 -1.00 9.51 -14.49
N ARG C 29 -0.78 10.31 -15.53
CA ARG C 29 -1.81 10.72 -16.46
C ARG C 29 -2.49 9.49 -17.08
N HIS C 30 -1.69 8.52 -17.52
CA HIS C 30 -2.24 7.26 -18.06
C HIS C 30 -2.91 6.44 -17.01
N LEU C 31 -2.46 6.60 -15.77
CA LEU C 31 -2.87 5.71 -14.71
C LEU C 31 -4.23 6.11 -14.14
N THR C 32 -4.40 7.40 -13.88
CA THR C 32 -5.61 7.89 -13.22
C THR C 32 -6.28 8.99 -14.00
N GLY C 33 -5.57 9.61 -14.95
CA GLY C 33 -6.10 10.79 -15.66
C GLY C 33 -5.64 12.13 -15.12
N GLU C 34 -5.04 12.14 -13.92
CA GLU C 34 -4.60 13.38 -13.24
C GLU C 34 -3.39 14.06 -13.89
N PHE C 35 -3.26 15.37 -13.67
CA PHE C 35 -2.06 16.08 -14.05
C PHE C 35 -1.40 16.68 -12.82
N GLU C 36 -0.39 15.98 -12.30
CA GLU C 36 0.33 16.43 -11.11
C GLU C 36 1.15 17.69 -11.41
N LYS C 37 0.77 18.79 -10.79
CA LYS C 37 1.46 20.06 -10.98
C LYS C 37 2.84 20.08 -10.32
N LYS C 38 2.95 19.38 -9.18
CA LYS C 38 4.15 19.41 -8.36
C LYS C 38 5.26 18.53 -8.94
N TYR C 39 6.49 18.85 -8.56
CA TYR C 39 7.62 18.00 -8.90
C TYR C 39 8.17 17.27 -7.68
N VAL C 40 7.84 15.99 -7.56
CA VAL C 40 8.39 15.16 -6.50
C VAL C 40 9.30 14.12 -7.14
N ALA C 41 10.61 14.31 -6.98
CA ALA C 41 11.62 13.43 -7.60
C ALA C 41 11.41 11.97 -7.22
N THR C 42 11.43 11.10 -8.23
CA THR C 42 11.19 9.66 -8.02
C THR C 42 12.39 9.05 -7.29
N LEU C 43 12.10 8.26 -6.28
CA LEU C 43 13.11 7.58 -5.48
C LEU C 43 13.47 6.23 -6.12
N GLY C 44 14.49 6.24 -6.97
CA GLY C 44 14.95 5.03 -7.61
C GLY C 44 14.09 4.64 -8.79
N VAL C 45 13.02 3.91 -8.52
CA VAL C 45 12.09 3.49 -9.57
C VAL C 45 10.69 3.16 -9.03
N GLU C 46 9.67 3.45 -9.81
CA GLU C 46 8.32 2.98 -9.55
C GLU C 46 7.82 2.15 -10.73
N VAL C 47 7.43 0.91 -10.44
CA VAL C 47 6.88 0.01 -11.46
C VAL C 47 5.35 0.10 -11.43
N HIS C 48 4.77 0.48 -12.57
CA HIS C 48 3.32 0.61 -12.72
C HIS C 48 2.79 -0.11 -13.92
N PRO C 49 1.74 -0.96 -13.74
CA PRO C 49 1.10 -1.61 -14.88
C PRO C 49 0.18 -0.68 -15.67
N LEU C 50 0.30 -0.70 -16.98
CA LEU C 50 -0.63 0.01 -17.86
C LEU C 50 -1.22 -0.93 -18.92
N VAL C 51 -2.52 -1.13 -18.84
CA VAL C 51 -3.21 -2.04 -19.73
C VAL C 51 -3.90 -1.27 -20.86
N PHE C 52 -3.69 -1.73 -22.08
CA PHE C 52 -4.41 -1.24 -23.23
C PHE C 52 -5.15 -2.41 -23.87
N HIS C 53 -6.27 -2.11 -24.51
CA HIS C 53 -7.00 -3.08 -25.30
C HIS C 53 -6.78 -2.80 -26.75
N THR C 54 -6.71 -3.88 -27.55
CA THR C 54 -6.45 -3.80 -28.97
C THR C 54 -7.29 -4.81 -29.75
N ASN C 55 -7.30 -4.65 -31.07
CA ASN C 55 -8.00 -5.56 -31.98
C ASN C 55 -7.44 -6.99 -31.94
N ARG C 56 -6.32 -7.16 -31.22
CA ARG C 56 -5.70 -8.47 -31.01
C ARG C 56 -5.78 -8.96 -29.56
N GLY C 57 -6.33 -8.14 -28.66
CA GLY C 57 -6.53 -8.55 -27.26
C GLY C 57 -5.95 -7.59 -26.23
N PRO C 58 -6.04 -7.96 -24.94
CA PRO C 58 -5.46 -7.10 -23.91
C PRO C 58 -3.94 -7.21 -23.87
N ILE C 59 -3.29 -6.06 -23.74
CA ILE C 59 -1.84 -6.00 -23.57
C ILE C 59 -1.55 -5.12 -22.36
N LYS C 60 -0.46 -5.42 -21.65
CA LYS C 60 -0.05 -4.66 -20.49
C LYS C 60 1.40 -4.24 -20.60
N PHE C 61 1.69 -2.97 -20.36
CA PHE C 61 3.07 -2.52 -20.17
C PHE C 61 3.37 -2.46 -18.67
N ASN C 62 4.40 -3.18 -18.25
CA ASN C 62 4.93 -3.00 -16.91
C ASN C 62 6.00 -1.92 -17.02
N VAL C 63 5.59 -0.68 -16.75
CA VAL C 63 6.44 0.52 -16.90
C VAL C 63 7.35 0.75 -15.70
N TRP C 64 8.65 0.81 -15.97
CA TRP C 64 9.66 1.10 -14.96
C TRP C 64 10.01 2.56 -14.99
N ASP C 65 9.32 3.32 -14.13
CA ASP C 65 9.50 4.76 -14.04
C ASP C 65 10.72 5.07 -13.18
N THR C 66 11.84 5.33 -13.86
CA THR C 66 13.12 5.49 -13.19
C THR C 66 13.40 6.95 -12.86
N ALA C 67 14.20 7.17 -11.82
CA ALA C 67 14.62 8.51 -11.44
C ALA C 67 15.78 8.95 -12.32
N GLY C 68 15.81 10.24 -12.64
CA GLY C 68 16.72 10.77 -13.64
C GLY C 68 18.05 11.27 -13.11
N GLN C 69 18.15 11.46 -11.79
CA GLN C 69 19.38 11.96 -11.17
C GLN C 69 20.54 11.04 -11.44
N GLU C 70 21.73 11.63 -11.56
CA GLU C 70 22.94 10.88 -11.89
C GLU C 70 23.14 9.75 -10.90
N LYS C 71 22.99 10.07 -9.60
CA LYS C 71 23.32 9.13 -8.52
C LYS C 71 22.63 7.77 -8.65
N PHE C 72 21.55 7.72 -9.42
CA PHE C 72 20.80 6.49 -9.70
C PHE C 72 21.36 5.70 -10.89
N GLY C 73 22.53 6.11 -11.38
CA GLY C 73 23.17 5.51 -12.55
C GLY C 73 23.41 4.01 -12.42
N GLY C 74 24.05 3.61 -11.33
CA GLY C 74 24.36 2.20 -11.07
C GLY C 74 23.14 1.30 -10.97
N LEU C 75 22.10 1.80 -10.29
CA LEU C 75 20.87 1.05 -10.05
C LEU C 75 20.03 0.82 -11.31
N ARG C 76 19.99 1.81 -12.19
CA ARG C 76 19.12 1.68 -13.36
C ARG C 76 19.65 0.72 -14.43
N ASP C 77 20.95 0.46 -14.41
CA ASP C 77 21.54 -0.64 -15.19
C ASP C 77 20.95 -2.00 -14.80
N GLY C 78 20.61 -2.13 -13.52
CA GLY C 78 19.86 -3.29 -13.02
C GLY C 78 18.39 -3.25 -13.41
N TYR C 79 17.80 -2.05 -13.45
CA TYR C 79 16.41 -1.90 -13.92
C TYR C 79 16.29 -2.28 -15.38
N TYR C 80 17.30 -1.91 -16.18
CA TYR C 80 17.24 -2.15 -17.63
C TYR C 80 17.31 -3.63 -18.03
N ILE C 81 17.73 -4.51 -17.12
CA ILE C 81 17.88 -5.92 -17.50
C ILE C 81 16.51 -6.53 -17.84
N GLN C 82 16.41 -7.09 -19.04
CA GLN C 82 15.18 -7.70 -19.53
C GLN C 82 14.10 -6.71 -20.02
N ALA C 83 14.46 -5.43 -20.14
CA ALA C 83 13.58 -4.44 -20.75
C ALA C 83 13.42 -4.72 -22.23
N GLN C 84 12.18 -4.70 -22.69
CA GLN C 84 11.88 -5.03 -24.08
C GLN C 84 11.66 -3.78 -24.91
N CYS C 85 11.55 -2.64 -24.24
CA CYS C 85 11.41 -1.35 -24.92
C CYS C 85 11.63 -0.22 -23.94
N ALA C 86 11.70 1.00 -24.46
CA ALA C 86 11.91 2.18 -23.65
C ALA C 86 11.42 3.45 -24.33
N ILE C 87 11.11 4.42 -23.48
CA ILE C 87 10.85 5.78 -23.90
C ILE C 87 11.95 6.58 -23.27
N ILE C 88 12.53 7.48 -24.06
CA ILE C 88 13.46 8.47 -23.55
C ILE C 88 12.73 9.78 -23.53
N MET C 89 12.51 10.32 -22.33
CA MET C 89 11.80 11.59 -22.17
C MET C 89 12.77 12.75 -22.11
N PHE C 90 12.43 13.83 -22.81
CA PHE C 90 13.01 15.11 -22.51
C PHE C 90 11.95 16.22 -22.46
N ASP C 91 12.39 17.40 -22.02
CA ASP C 91 11.54 18.55 -21.77
C ASP C 91 11.83 19.61 -22.85
N VAL C 92 10.81 19.99 -23.61
CA VAL C 92 11.01 20.98 -24.68
C VAL C 92 11.25 22.40 -24.15
N THR C 93 11.20 22.52 -22.82
CA THR C 93 11.34 23.78 -22.09
C THR C 93 12.76 23.93 -21.55
N SER C 94 13.50 22.84 -21.56
CA SER C 94 14.82 22.76 -20.95
C SER C 94 15.83 22.12 -21.90
N ARG C 95 16.68 22.98 -22.50
CA ARG C 95 17.68 22.55 -23.50
C ARG C 95 18.64 21.47 -23.01
N VAL C 96 19.02 21.58 -21.74
CA VAL C 96 19.89 20.59 -21.11
C VAL C 96 19.37 19.14 -21.24
N THR C 97 18.04 18.97 -21.13
CA THR C 97 17.40 17.65 -21.20
C THR C 97 17.43 17.01 -22.59
N TYR C 98 17.44 17.83 -23.65
CA TYR C 98 17.63 17.29 -24.99
C TYR C 98 19.11 17.02 -25.22
N LYS C 99 19.95 17.82 -24.60
CA LYS C 99 21.39 17.65 -24.68
C LYS C 99 21.85 16.36 -23.99
N ASN C 100 21.08 15.87 -23.01
CA ASN C 100 21.44 14.65 -22.29
C ASN C 100 20.93 13.34 -22.91
N VAL C 101 20.06 13.47 -23.90
CA VAL C 101 19.43 12.34 -24.58
C VAL C 101 20.42 11.28 -25.09
N PRO C 102 21.47 11.71 -25.86
CA PRO C 102 22.48 10.74 -26.31
C PRO C 102 23.02 9.82 -25.21
N ASN C 103 23.29 10.37 -24.03
CA ASN C 103 23.68 9.56 -22.88
C ASN C 103 22.60 8.59 -22.41
N TRP C 104 21.34 9.00 -22.47
CA TRP C 104 20.24 8.10 -22.12
C TRP C 104 20.21 6.93 -23.05
N HIS C 105 20.34 7.20 -24.35
CA HIS C 105 20.32 6.17 -25.38
C HIS C 105 21.45 5.22 -25.17
N ARG C 106 22.66 5.79 -25.07
CA ARG C 106 23.87 5.03 -24.85
C ARG C 106 23.67 4.09 -23.66
N ASP C 107 23.17 4.63 -22.56
CA ASP C 107 22.95 3.87 -21.33
C ASP C 107 22.00 2.69 -21.53
N LEU C 108 20.99 2.89 -22.37
CA LEU C 108 20.04 1.83 -22.70
C LEU C 108 20.65 0.75 -23.58
N VAL C 109 21.30 1.16 -24.67
CA VAL C 109 21.84 0.22 -25.63
C VAL C 109 23.01 -0.59 -25.10
N ARG C 110 23.71 -0.09 -24.09
CA ARG C 110 24.83 -0.86 -23.55
C ARG C 110 24.36 -1.97 -22.61
N VAL C 111 23.07 -2.01 -22.30
CA VAL C 111 22.54 -3.14 -21.51
C VAL C 111 21.56 -4.04 -22.29
N CYS C 112 20.82 -3.44 -23.20
CA CYS C 112 19.97 -4.18 -24.13
C CYS C 112 20.09 -3.56 -25.53
N GLU C 113 20.79 -4.27 -26.40
CA GLU C 113 21.21 -3.75 -27.71
C GLU C 113 20.03 -3.29 -28.57
N ASN C 114 19.39 -4.26 -29.23
CA ASN C 114 18.42 -4.00 -30.29
C ASN C 114 16.96 -4.00 -29.78
N ILE C 115 16.66 -3.11 -28.84
CA ILE C 115 15.28 -2.97 -28.36
C ILE C 115 14.65 -1.70 -28.93
N PRO C 116 13.34 -1.77 -29.27
CA PRO C 116 12.62 -0.62 -29.81
C PRO C 116 12.56 0.51 -28.79
N ILE C 117 12.91 1.71 -29.23
CA ILE C 117 13.00 2.88 -28.35
C ILE C 117 12.30 4.08 -28.98
N VAL C 118 11.54 4.80 -28.16
CA VAL C 118 10.86 6.01 -28.60
C VAL C 118 11.53 7.20 -27.93
N LEU C 119 11.73 8.26 -28.68
CA LEU C 119 12.14 9.55 -28.12
C LEU C 119 10.92 10.48 -28.04
N CYS C 120 10.69 11.05 -26.86
CA CYS C 120 9.56 11.94 -26.63
C CYS C 120 10.00 13.31 -26.17
N GLY C 121 9.50 14.33 -26.85
CA GLY C 121 9.68 15.72 -26.39
C GLY C 121 8.47 16.23 -25.63
N ASN C 122 8.40 15.95 -24.34
CA ASN C 122 7.28 16.36 -23.49
C ASN C 122 7.10 17.89 -23.42
N LYS C 123 5.93 18.31 -22.92
CA LYS C 123 5.65 19.71 -22.59
C LYS C 123 5.48 20.65 -23.79
N VAL C 124 4.99 20.13 -24.91
CA VAL C 124 4.77 20.97 -26.11
C VAL C 124 3.60 21.95 -25.96
N ASP C 125 2.84 21.80 -24.88
CA ASP C 125 1.71 22.68 -24.60
C ASP C 125 2.14 24.12 -24.32
N ILE C 126 3.36 24.27 -23.80
CA ILE C 126 3.93 25.60 -23.48
C ILE C 126 4.21 26.39 -24.77
N LYS C 127 3.67 27.61 -24.81
CA LYS C 127 3.60 28.46 -26.03
C LYS C 127 4.92 28.65 -26.78
N ASP C 128 6.02 28.77 -26.03
CA ASP C 128 7.32 29.09 -26.63
C ASP C 128 8.40 28.07 -26.24
N ARG C 129 8.72 27.19 -27.18
CA ARG C 129 9.69 26.11 -26.98
C ARG C 129 11.10 26.66 -26.84
N LYS C 130 11.86 26.13 -25.88
CA LYS C 130 13.28 26.47 -25.81
C LYS C 130 14.08 25.50 -26.67
N VAL C 131 13.44 24.39 -27.05
CA VAL C 131 14.01 23.39 -27.96
C VAL C 131 13.10 23.31 -29.20
N LYS C 132 13.48 24.00 -30.27
CA LYS C 132 12.69 24.04 -31.50
C LYS C 132 12.65 22.68 -32.18
N ALA C 133 11.62 22.47 -33.00
CA ALA C 133 11.49 21.26 -33.81
C ALA C 133 12.78 20.96 -34.59
N LYS C 134 13.37 21.97 -35.21
CA LYS C 134 14.57 21.80 -36.05
C LYS C 134 15.89 21.55 -35.28
N SER C 135 15.81 21.48 -33.95
CA SER C 135 16.98 21.18 -33.13
C SER C 135 16.90 19.75 -32.61
N ILE C 136 15.73 19.13 -32.79
CA ILE C 136 15.49 17.73 -32.40
C ILE C 136 15.84 16.83 -33.57
N VAL C 137 16.99 16.17 -33.47
CA VAL C 137 17.57 15.44 -34.59
C VAL C 137 18.12 14.07 -34.19
N PHE C 138 18.22 13.80 -32.88
CA PHE C 138 18.86 12.58 -32.42
C PHE C 138 18.19 11.28 -32.92
N HIS C 139 16.85 11.26 -32.93
CA HIS C 139 16.09 10.14 -33.47
C HIS C 139 16.43 9.84 -34.90
N ARG C 140 16.98 10.83 -35.60
CA ARG C 140 17.37 10.64 -36.98
C ARG C 140 18.72 9.91 -37.08
N LYS C 141 19.66 10.29 -36.22
CA LYS C 141 20.96 9.63 -36.29
C LYS C 141 20.91 8.22 -35.69
N LYS C 142 19.90 7.94 -34.85
CA LYS C 142 19.79 6.65 -34.19
C LYS C 142 18.59 5.81 -34.64
N ASN C 143 17.93 6.26 -35.72
CA ASN C 143 16.71 5.66 -36.29
C ASN C 143 15.62 5.32 -35.29
N LEU C 144 15.42 6.22 -34.33
CA LEU C 144 14.39 6.05 -33.30
C LEU C 144 13.09 6.71 -33.75
N GLN C 145 11.99 6.28 -33.15
CA GLN C 145 10.71 6.95 -33.37
C GLN C 145 10.61 8.17 -32.44
N TYR C 146 10.24 9.31 -33.01
CA TYR C 146 10.03 10.51 -32.22
C TYR C 146 8.55 10.93 -32.15
N TYR C 147 8.17 11.51 -31.00
CA TYR C 147 6.91 12.22 -30.83
C TYR C 147 7.07 13.47 -29.96
N ASP C 148 6.50 14.58 -30.41
CA ASP C 148 6.16 15.68 -29.51
C ASP C 148 5.02 15.18 -28.67
N ILE C 149 5.15 15.28 -27.35
CA ILE C 149 4.05 14.90 -26.46
C ILE C 149 3.77 15.98 -25.42
N SER C 150 2.64 15.84 -24.73
CA SER C 150 2.32 16.64 -23.56
C SER C 150 1.44 15.85 -22.62
N ALA C 151 1.95 15.66 -21.40
CA ALA C 151 1.16 15.04 -20.35
C ALA C 151 0.09 16.00 -19.86
N LYS C 152 0.23 17.28 -20.22
CA LYS C 152 -0.72 18.30 -19.81
C LYS C 152 -1.98 18.29 -20.67
N SER C 153 -1.81 18.30 -21.98
CA SER C 153 -2.93 18.38 -22.92
C SER C 153 -3.25 17.06 -23.63
N ASN C 154 -2.61 15.97 -23.22
CA ASN C 154 -2.84 14.66 -23.85
C ASN C 154 -2.33 14.50 -25.30
N TYR C 155 -1.79 15.59 -25.87
CA TYR C 155 -1.21 15.55 -27.20
C TYR C 155 -0.25 14.38 -27.42
N ASN C 156 -0.56 13.58 -28.45
CA ASN C 156 0.20 12.39 -28.78
C ASN C 156 0.50 11.42 -27.63
N PHE C 157 -0.24 11.53 -26.52
CA PHE C 157 0.15 10.81 -25.29
C PHE C 157 -0.02 9.29 -25.35
N GLU C 158 -0.87 8.81 -26.24
CA GLU C 158 -1.01 7.38 -26.49
C GLU C 158 0.05 6.85 -27.45
N LYS C 159 0.60 7.73 -28.28
CA LYS C 159 1.50 7.30 -29.36
C LYS C 159 2.69 6.41 -28.94
N PRO C 160 3.43 6.78 -27.87
CA PRO C 160 4.59 5.94 -27.60
C PRO C 160 4.20 4.49 -27.34
N PHE C 161 3.03 4.27 -26.74
CA PHE C 161 2.61 2.93 -26.36
C PHE C 161 2.12 2.14 -27.56
N LEU C 162 1.24 2.76 -28.36
CA LEU C 162 0.84 2.21 -29.64
C LEU C 162 2.04 1.81 -30.48
N TRP C 163 2.90 2.77 -30.79
CA TRP C 163 4.07 2.46 -31.63
C TRP C 163 4.88 1.30 -31.10
N LEU C 164 5.18 1.30 -29.80
CA LEU C 164 5.93 0.21 -29.21
C LEU C 164 5.15 -1.09 -29.22
N ALA C 165 3.85 -0.99 -28.94
CA ALA C 165 2.93 -2.14 -28.98
C ALA C 165 3.00 -2.80 -30.35
N ARG C 166 2.97 -1.98 -31.39
CA ARG C 166 3.05 -2.45 -32.76
C ARG C 166 4.32 -3.23 -33.03
N LYS C 167 5.44 -2.72 -32.52
CA LYS C 167 6.74 -3.36 -32.71
C LYS C 167 6.90 -4.65 -31.90
N LEU C 168 6.62 -4.60 -30.61
CA LEU C 168 6.69 -5.79 -29.74
C LEU C 168 5.77 -6.95 -30.12
N ILE C 169 4.53 -6.63 -30.47
CA ILE C 169 3.52 -7.58 -30.92
C ILE C 169 3.83 -8.07 -32.33
N GLY C 170 4.33 -7.15 -33.16
CA GLY C 170 4.70 -7.49 -34.53
C GLY C 170 3.59 -7.24 -35.51
N ASP C 171 2.70 -6.29 -35.19
CA ASP C 171 1.58 -5.91 -36.05
C ASP C 171 1.52 -4.39 -36.23
N PRO C 172 1.95 -3.89 -37.41
CA PRO C 172 2.09 -2.46 -37.64
C PRO C 172 0.74 -1.75 -37.79
N ASN C 173 -0.32 -2.53 -37.96
CA ASN C 173 -1.69 -2.02 -38.08
C ASN C 173 -2.48 -2.20 -36.79
N LEU C 174 -1.80 -2.60 -35.71
CA LEU C 174 -2.46 -2.79 -34.42
C LEU C 174 -3.10 -1.48 -34.00
N GLU C 175 -4.34 -1.57 -33.53
CA GLU C 175 -5.10 -0.41 -33.12
C GLU C 175 -5.58 -0.58 -31.70
N PHE C 176 -5.49 0.49 -30.93
CA PHE C 176 -6.12 0.51 -29.61
C PHE C 176 -7.62 0.52 -29.80
N VAL C 177 -8.30 -0.34 -29.04
CA VAL C 177 -9.76 -0.41 -29.09
C VAL C 177 -10.37 -0.06 -27.73
N ALA C 178 -11.67 0.23 -27.74
CA ALA C 178 -12.40 0.61 -26.53
C ALA C 178 -12.32 -0.49 -25.48
N MET C 179 -11.94 -0.09 -24.27
CA MET C 179 -11.99 -0.95 -23.11
C MET C 179 -13.42 -1.41 -22.87
N PRO C 180 -13.64 -2.74 -22.86
CA PRO C 180 -14.99 -3.27 -22.59
C PRO C 180 -15.52 -2.73 -21.26
N ALA C 181 -16.77 -2.25 -21.27
CA ALA C 181 -17.39 -1.67 -20.08
C ALA C 181 -18.16 -2.71 -19.31
N LEU C 182 -17.49 -3.38 -18.38
CA LEU C 182 -18.16 -4.29 -17.46
C LEU C 182 -19.33 -3.60 -16.74
N ALA C 183 -20.32 -4.41 -16.36
CA ALA C 183 -21.46 -3.94 -15.56
C ALA C 183 -21.03 -3.49 -14.17
N PRO C 184 -21.38 -2.24 -13.78
CA PRO C 184 -20.96 -1.67 -12.49
C PRO C 184 -21.75 -2.26 -11.28
N PRO C 185 -21.73 -1.57 -10.12
CA PRO C 185 -21.95 -2.22 -8.82
C PRO C 185 -23.24 -3.02 -8.67
N GLU C 186 -24.37 -2.34 -8.79
CA GLU C 186 -25.66 -2.87 -8.36
C GLU C 186 -26.28 -3.78 -9.41
N GLY D 15 10.20 2.31 -41.82
CA GLY D 15 10.90 2.22 -40.50
C GLY D 15 11.65 0.92 -40.31
N PRO D 16 12.69 0.92 -39.45
CA PRO D 16 13.56 -0.23 -39.19
C PRO D 16 12.84 -1.33 -38.42
N HIS D 17 13.28 -2.58 -38.64
CA HIS D 17 12.56 -3.76 -38.14
C HIS D 17 13.08 -4.35 -36.87
N PHE D 18 12.16 -4.69 -35.96
CA PHE D 18 12.49 -5.32 -34.68
C PHE D 18 11.81 -6.67 -34.62
N GLU D 19 12.42 -7.62 -33.90
CA GLU D 19 11.74 -8.89 -33.68
C GLU D 19 10.69 -8.75 -32.58
N PRO D 20 9.47 -9.25 -32.84
CA PRO D 20 8.39 -9.26 -31.84
C PRO D 20 8.76 -10.26 -30.73
N VAL D 21 8.44 -9.90 -29.49
CA VAL D 21 8.88 -10.67 -28.33
C VAL D 21 7.81 -11.59 -27.77
N VAL D 22 6.73 -11.74 -28.54
CA VAL D 22 5.54 -12.46 -28.08
C VAL D 22 4.83 -13.15 -29.25
N PRO D 23 4.29 -14.37 -29.01
CA PRO D 23 3.43 -14.99 -30.02
C PRO D 23 2.32 -14.02 -30.42
N LEU D 24 2.25 -13.70 -31.71
CA LEU D 24 1.23 -12.79 -32.26
C LEU D 24 -0.21 -13.32 -32.06
N PRO D 25 -0.96 -12.72 -31.13
CA PRO D 25 -2.32 -13.23 -30.83
C PRO D 25 -3.30 -13.00 -31.98
N ASP D 26 -4.33 -13.81 -32.02
CA ASP D 26 -5.36 -13.69 -33.05
C ASP D 26 -6.16 -12.41 -32.80
N LYS D 27 -6.57 -11.78 -33.90
CA LYS D 27 -7.58 -10.74 -33.88
C LYS D 27 -8.84 -11.28 -33.22
N ILE D 28 -9.46 -10.45 -32.38
CA ILE D 28 -10.70 -10.83 -31.71
C ILE D 28 -11.85 -9.93 -32.22
N GLU D 29 -13.09 -10.33 -31.99
CA GLU D 29 -14.19 -9.44 -32.36
C GLU D 29 -14.26 -8.30 -31.35
N VAL D 30 -14.45 -7.09 -31.86
CA VAL D 30 -14.53 -5.91 -31.01
C VAL D 30 -15.76 -5.98 -30.09
N LYS D 31 -15.51 -6.06 -28.79
CA LYS D 31 -16.55 -6.15 -27.77
C LYS D 31 -16.51 -4.94 -26.83
N THR D 32 -17.54 -4.10 -26.89
CA THR D 32 -17.57 -2.85 -26.11
C THR D 32 -18.16 -3.00 -24.70
N GLY D 33 -19.03 -3.99 -24.50
CA GLY D 33 -19.78 -4.15 -23.25
C GLY D 33 -21.08 -3.36 -23.29
N GLU D 34 -21.29 -2.63 -24.38
CA GLU D 34 -22.45 -1.76 -24.54
C GLU D 34 -23.48 -2.26 -25.55
N GLU D 35 -23.25 -3.44 -26.14
CA GLU D 35 -24.14 -3.93 -27.22
C GLU D 35 -25.56 -4.27 -26.78
N ASP D 36 -25.79 -4.33 -25.46
CA ASP D 36 -27.11 -4.61 -24.91
C ASP D 36 -27.84 -3.36 -24.44
N GLU D 37 -27.24 -2.20 -24.68
CA GLU D 37 -27.79 -0.91 -24.27
C GLU D 37 -28.06 0.02 -25.45
N GLU D 38 -28.86 1.05 -25.21
CA GLU D 38 -29.07 2.11 -26.18
C GLU D 38 -28.67 3.46 -25.54
N GLU D 39 -28.15 4.36 -26.38
CA GLU D 39 -27.72 5.68 -25.95
C GLU D 39 -28.89 6.62 -25.75
N PHE D 40 -28.86 7.36 -24.65
CA PHE D 40 -29.77 8.50 -24.46
C PHE D 40 -29.02 9.80 -24.75
N PHE D 41 -27.73 9.79 -24.45
CA PHE D 41 -26.87 10.97 -24.53
C PHE D 41 -25.45 10.54 -24.84
N CYS D 42 -24.80 11.27 -25.75
CA CYS D 42 -23.41 11.06 -26.11
C CYS D 42 -22.81 12.41 -26.47
N ASN D 43 -21.75 12.77 -25.76
CA ASN D 43 -21.10 14.07 -25.91
C ASN D 43 -19.75 14.12 -25.19
N ARG D 44 -18.76 14.78 -25.81
CA ARG D 44 -17.46 14.90 -25.16
C ARG D 44 -17.47 15.93 -24.05
N ALA D 45 -16.63 15.70 -23.05
CA ALA D 45 -16.66 16.49 -21.84
C ALA D 45 -15.34 16.31 -21.14
N LYS D 46 -15.11 17.09 -20.08
CA LYS D 46 -13.93 16.91 -19.25
C LYS D 46 -14.38 16.47 -17.84
N LEU D 47 -13.76 15.42 -17.33
CA LEU D 47 -14.15 14.83 -16.05
C LEU D 47 -13.09 15.03 -14.97
N PHE D 48 -13.57 15.34 -13.77
CA PHE D 48 -12.70 15.56 -12.64
C PHE D 48 -13.20 14.70 -11.50
N ARG D 49 -12.29 14.40 -10.60
CA ARG D 49 -12.56 13.55 -9.47
C ARG D 49 -11.92 14.31 -8.32
N PHE D 50 -12.65 14.43 -7.22
CA PHE D 50 -12.17 15.19 -6.09
C PHE D 50 -11.32 14.26 -5.26
N ASP D 51 -10.10 14.70 -4.96
CA ASP D 51 -9.22 13.95 -4.09
C ASP D 51 -9.50 14.35 -2.65
N VAL D 52 -10.04 13.41 -1.89
CA VAL D 52 -10.43 13.63 -0.49
C VAL D 52 -9.26 14.07 0.35
N GLU D 53 -8.12 13.38 0.20
CA GLU D 53 -6.94 13.66 1.00
C GLU D 53 -6.36 15.07 0.74
N SER D 54 -5.96 15.33 -0.51
CA SER D 54 -5.37 16.63 -0.85
C SER D 54 -6.41 17.74 -0.88
N LYS D 55 -7.69 17.35 -1.00
CA LYS D 55 -8.81 18.29 -1.01
C LYS D 55 -8.72 19.23 -2.21
N GLU D 56 -8.55 18.63 -3.38
CA GLU D 56 -8.44 19.35 -4.62
C GLU D 56 -9.10 18.52 -5.72
N TRP D 57 -9.51 19.20 -6.78
CA TRP D 57 -9.97 18.52 -7.99
C TRP D 57 -8.80 17.99 -8.73
N LYS D 58 -8.95 16.77 -9.25
CA LYS D 58 -7.97 16.14 -10.13
C LYS D 58 -8.67 15.76 -11.41
N GLU D 59 -7.99 15.94 -12.54
CA GLU D 59 -8.53 15.55 -13.82
C GLU D 59 -8.67 14.03 -13.88
N ARG D 60 -9.76 13.56 -14.47
CA ARG D 60 -9.99 12.12 -14.60
C ARG D 60 -9.97 11.67 -16.05
N GLY D 61 -10.39 12.55 -16.95
CA GLY D 61 -10.49 12.21 -18.36
C GLY D 61 -11.25 13.19 -19.24
N ILE D 62 -10.92 13.13 -20.53
CA ILE D 62 -11.64 13.85 -21.59
C ILE D 62 -12.06 12.83 -22.66
N GLY D 63 -13.31 12.89 -23.10
CA GLY D 63 -13.87 11.95 -24.07
C GLY D 63 -15.39 12.01 -24.01
N ASN D 64 -16.06 11.01 -24.55
CA ASN D 64 -17.51 11.02 -24.66
C ASN D 64 -18.23 10.45 -23.46
N VAL D 65 -19.05 11.29 -22.83
CA VAL D 65 -19.96 10.82 -21.79
C VAL D 65 -21.17 10.25 -22.48
N LYS D 66 -21.59 9.09 -21.99
CA LYS D 66 -22.77 8.46 -22.53
C LYS D 66 -23.69 8.11 -21.37
N ILE D 67 -24.99 8.32 -21.60
CA ILE D 67 -26.00 7.81 -20.70
C ILE D 67 -26.65 6.65 -21.45
N LEU D 68 -26.58 5.46 -20.87
CA LEU D 68 -27.05 4.26 -21.56
C LEU D 68 -28.12 3.56 -20.76
N ARG D 69 -29.17 3.10 -21.44
CA ARG D 69 -30.16 2.28 -20.78
C ARG D 69 -30.11 0.86 -21.32
N HIS D 70 -30.02 -0.10 -20.41
CA HIS D 70 -30.06 -1.51 -20.79
C HIS D 70 -31.40 -1.80 -21.37
N LYS D 71 -31.42 -2.53 -22.48
CA LYS D 71 -32.66 -2.74 -23.22
C LYS D 71 -33.62 -3.71 -22.53
N THR D 72 -33.09 -4.53 -21.63
CA THR D 72 -33.90 -5.56 -20.96
C THR D 72 -34.17 -5.19 -19.50
N SER D 73 -33.12 -4.82 -18.78
CA SER D 73 -33.23 -4.50 -17.37
C SER D 73 -33.77 -3.10 -17.13
N GLY D 74 -33.56 -2.21 -18.10
CA GLY D 74 -34.00 -0.82 -17.97
C GLY D 74 -33.10 -0.01 -17.05
N LYS D 75 -31.99 -0.63 -16.62
CA LYS D 75 -30.99 0.05 -15.82
C LYS D 75 -30.30 1.12 -16.66
N ILE D 76 -30.03 2.26 -16.03
CA ILE D 76 -29.38 3.36 -16.73
C ILE D 76 -28.07 3.69 -16.04
N ARG D 77 -27.01 3.75 -16.83
CA ARG D 77 -25.70 4.10 -16.30
C ARG D 77 -25.04 5.24 -17.07
N LEU D 78 -24.00 5.79 -16.47
CA LEU D 78 -23.18 6.80 -17.11
C LEU D 78 -21.86 6.15 -17.52
N LEU D 79 -21.42 6.38 -18.74
CA LEU D 79 -20.18 5.78 -19.19
C LEU D 79 -19.28 6.75 -19.95
N MET D 80 -17.99 6.75 -19.59
CA MET D 80 -17.06 7.66 -20.24
C MET D 80 -15.71 7.00 -20.50
N ARG D 81 -15.19 7.21 -21.71
CA ARG D 81 -13.93 6.65 -22.17
C ARG D 81 -13.02 7.81 -22.53
N ARG D 82 -11.75 7.72 -22.11
CA ARG D 82 -10.75 8.71 -22.47
C ARG D 82 -10.42 8.57 -23.94
N GLU D 83 -10.32 9.68 -24.66
CA GLU D 83 -10.01 9.57 -26.09
C GLU D 83 -8.54 9.20 -26.32
N GLN D 84 -8.26 8.63 -27.49
CA GLN D 84 -6.89 8.21 -27.88
C GLN D 84 -6.46 6.91 -27.20
N VAL D 85 -6.58 6.85 -25.87
CA VAL D 85 -6.21 5.65 -25.10
C VAL D 85 -7.40 4.73 -24.85
N LEU D 86 -8.59 5.32 -24.84
CA LEU D 86 -9.90 4.61 -24.78
C LEU D 86 -10.13 3.76 -23.53
N LYS D 87 -9.45 4.14 -22.45
CA LYS D 87 -9.71 3.60 -21.11
C LYS D 87 -11.01 4.22 -20.56
N ILE D 88 -11.71 3.46 -19.71
CA ILE D 88 -12.90 3.98 -19.04
C ILE D 88 -12.47 4.90 -17.90
N CYS D 89 -13.12 6.05 -17.81
CA CYS D 89 -12.84 7.02 -16.76
C CYS D 89 -14.08 7.34 -15.93
N ALA D 90 -15.19 6.66 -16.22
CA ALA D 90 -16.45 6.73 -15.44
C ALA D 90 -17.37 5.58 -15.83
N ASN D 91 -17.93 4.91 -14.84
CA ASN D 91 -18.83 3.80 -15.08
C ASN D 91 -19.68 3.45 -13.87
N HIS D 92 -20.90 3.98 -13.84
CA HIS D 92 -21.77 3.85 -12.69
C HIS D 92 -23.20 4.02 -13.05
N TYR D 93 -24.06 3.27 -12.38
CA TYR D 93 -25.49 3.41 -12.53
C TYR D 93 -25.95 4.75 -12.00
N ILE D 94 -26.81 5.40 -12.76
CA ILE D 94 -27.47 6.62 -12.31
C ILE D 94 -28.53 6.21 -11.30
N SER D 95 -28.58 6.94 -10.20
CA SER D 95 -29.51 6.66 -9.12
C SER D 95 -30.45 7.84 -8.99
N PRO D 96 -31.72 7.58 -8.64
CA PRO D 96 -32.65 8.68 -8.37
C PRO D 96 -32.16 9.55 -7.21
N ASP D 97 -31.43 8.96 -6.26
CA ASP D 97 -30.82 9.67 -5.13
C ASP D 97 -29.73 10.68 -5.52
N MET D 98 -29.14 10.52 -6.69
CA MET D 98 -28.12 11.48 -7.16
C MET D 98 -28.69 12.87 -7.39
N LYS D 99 -27.86 13.88 -7.17
CA LYS D 99 -28.20 15.28 -7.41
C LYS D 99 -27.06 15.92 -8.20
N LEU D 100 -27.39 16.47 -9.37
CA LEU D 100 -26.45 17.27 -10.15
C LEU D 100 -26.49 18.69 -9.67
N THR D 101 -25.34 19.22 -9.28
CA THR D 101 -25.30 20.52 -8.65
C THR D 101 -24.41 21.44 -9.46
N PRO D 102 -25.00 22.43 -10.16
CA PRO D 102 -24.20 23.35 -10.96
C PRO D 102 -23.11 23.94 -10.11
N ASN D 103 -21.99 24.29 -10.74
CA ASN D 103 -20.96 25.03 -10.03
C ASN D 103 -21.35 26.50 -9.95
N ALA D 104 -21.01 27.14 -8.83
CA ALA D 104 -21.29 28.55 -8.64
C ALA D 104 -20.86 29.35 -9.86
N GLY D 105 -21.80 30.11 -10.42
CA GLY D 105 -21.55 30.97 -11.57
C GLY D 105 -21.26 30.25 -12.88
N SER D 106 -21.28 28.91 -12.84
CA SER D 106 -20.98 28.11 -14.02
C SER D 106 -22.21 27.34 -14.49
N ASP D 107 -22.61 27.60 -15.73
CA ASP D 107 -23.65 26.83 -16.41
C ASP D 107 -23.07 25.84 -17.41
N ARG D 108 -21.77 25.55 -17.27
CA ARG D 108 -21.09 24.59 -18.12
CA ARG D 108 -21.08 24.59 -18.12
C ARG D 108 -20.76 23.30 -17.37
N SER D 109 -21.00 23.28 -16.06
CA SER D 109 -20.59 22.15 -15.23
C SER D 109 -21.51 21.78 -14.08
N PHE D 110 -21.39 20.52 -13.64
CA PHE D 110 -22.20 19.96 -12.57
C PHE D 110 -21.33 19.02 -11.72
N VAL D 111 -21.70 18.85 -10.46
CA VAL D 111 -21.03 17.84 -9.62
C VAL D 111 -22.04 16.85 -9.02
N TRP D 112 -21.62 15.59 -8.88
CA TRP D 112 -22.45 14.58 -8.23
C TRP D 112 -21.62 13.50 -7.63
N HIS D 113 -22.23 12.69 -6.76
CA HIS D 113 -21.58 11.54 -6.15
C HIS D 113 -22.00 10.27 -6.84
N ALA D 114 -21.08 9.31 -6.93
CA ALA D 114 -21.37 8.02 -7.58
C ALA D 114 -20.49 6.89 -7.08
N LEU D 115 -21.04 5.68 -7.09
CA LEU D 115 -20.26 4.47 -6.84
C LEU D 115 -19.70 4.01 -8.20
N ASP D 116 -18.47 4.43 -8.50
CA ASP D 116 -17.89 4.32 -9.84
C ASP D 116 -17.01 3.08 -10.04
N TYR D 117 -17.02 2.56 -11.26
CA TYR D 117 -16.36 1.31 -11.57
C TYR D 117 -15.38 1.42 -12.74
N ALA D 118 -14.83 2.63 -12.96
CA ALA D 118 -13.83 2.86 -14.02
C ALA D 118 -12.56 2.03 -13.89
N ASP D 119 -12.02 1.97 -12.68
CA ASP D 119 -10.84 1.16 -12.43
C ASP D 119 -11.19 -0.33 -12.26
N GLU D 120 -12.40 -0.70 -12.69
CA GLU D 120 -12.93 -2.05 -12.50
C GLU D 120 -13.01 -2.43 -11.02
N LEU D 121 -13.06 -1.40 -10.18
CA LEU D 121 -13.19 -1.57 -8.74
C LEU D 121 -14.17 -0.51 -8.22
N PRO D 122 -15.06 -0.92 -7.29
CA PRO D 122 -16.15 -0.05 -6.82
C PRO D 122 -15.65 1.06 -5.90
N LYS D 123 -15.63 2.28 -6.40
CA LYS D 123 -15.13 3.42 -5.65
C LYS D 123 -16.17 4.53 -5.54
N PRO D 124 -16.58 4.86 -4.31
CA PRO D 124 -17.35 6.09 -4.17
C PRO D 124 -16.52 7.29 -4.63
N GLU D 125 -17.12 8.17 -5.42
CA GLU D 125 -16.43 9.36 -5.87
C GLU D 125 -17.36 10.55 -5.99
N GLN D 126 -16.83 11.75 -5.75
CA GLN D 126 -17.52 12.94 -6.22
C GLN D 126 -16.86 13.44 -7.51
N LEU D 127 -17.70 13.63 -8.52
CA LEU D 127 -17.25 13.90 -9.86
C LEU D 127 -17.69 15.26 -10.31
N ALA D 128 -16.85 15.93 -11.10
CA ALA D 128 -17.26 17.15 -11.78
C ALA D 128 -17.17 16.90 -13.27
N ILE D 129 -18.17 17.37 -14.00
CA ILE D 129 -18.13 17.28 -15.45
C ILE D 129 -18.33 18.66 -16.06
N ARG D 130 -17.46 19.03 -17.00
CA ARG D 130 -17.57 20.32 -17.68
C ARG D 130 -17.81 20.12 -19.16
N PHE D 131 -18.73 20.90 -19.72
CA PHE D 131 -18.99 20.94 -21.16
C PHE D 131 -18.50 22.25 -21.73
N LYS D 132 -18.29 22.25 -23.05
CA LYS D 132 -17.67 23.40 -23.74
C LYS D 132 -18.65 24.56 -23.90
N THR D 133 -19.89 24.23 -24.26
CA THR D 133 -20.98 25.21 -24.38
C THR D 133 -22.08 24.94 -23.35
N PRO D 134 -22.75 26.00 -22.86
CA PRO D 134 -23.82 25.77 -21.88
C PRO D 134 -24.96 24.99 -22.49
N GLU D 135 -25.07 25.01 -23.83
CA GLU D 135 -26.04 24.19 -24.56
C GLU D 135 -25.77 22.70 -24.39
N GLU D 136 -24.49 22.32 -24.40
CA GLU D 136 -24.10 20.91 -24.27
C GLU D 136 -24.36 20.44 -22.84
N ALA D 137 -24.17 21.34 -21.90
CA ALA D 137 -24.40 21.06 -20.48
C ALA D 137 -25.89 20.88 -20.19
N ALA D 138 -26.70 21.79 -20.69
CA ALA D 138 -28.15 21.72 -20.52
C ALA D 138 -28.75 20.42 -21.05
N LEU D 139 -28.28 19.96 -22.21
CA LEU D 139 -28.77 18.68 -22.74
C LEU D 139 -28.37 17.49 -21.85
N PHE D 140 -27.22 17.62 -21.19
CA PHE D 140 -26.73 16.62 -20.26
C PHE D 140 -27.59 16.58 -19.00
N LYS D 141 -27.76 17.75 -18.39
CA LYS D 141 -28.66 17.86 -17.26
C LYS D 141 -29.98 17.23 -17.62
N CYS D 142 -30.61 17.78 -18.66
CA CYS D 142 -31.89 17.31 -19.16
C CYS D 142 -31.97 15.79 -19.26
N LYS D 143 -31.04 15.18 -19.99
CA LYS D 143 -31.08 13.73 -20.18
C LYS D 143 -30.78 12.96 -18.89
N PHE D 144 -29.73 13.40 -18.18
CA PHE D 144 -29.40 12.89 -16.84
C PHE D 144 -30.63 12.87 -15.95
N GLU D 145 -31.25 14.04 -15.75
CA GLU D 145 -32.43 14.16 -14.90
C GLU D 145 -33.61 13.40 -15.47
N GLU D 146 -33.76 13.41 -16.80
CA GLU D 146 -34.81 12.62 -17.45
C GLU D 146 -34.60 11.11 -17.21
N ALA D 147 -33.35 10.67 -17.20
CA ALA D 147 -33.04 9.29 -16.87
C ALA D 147 -33.52 8.97 -15.45
N GLN D 148 -33.34 9.92 -14.55
CA GLN D 148 -33.81 9.82 -13.16
C GLN D 148 -35.34 9.85 -13.01
N SER D 149 -36.06 10.35 -14.02
CA SER D 149 -37.53 10.30 -14.04
C SER D 149 -38.03 8.89 -13.77
N ILE D 150 -37.25 7.92 -14.21
CA ILE D 150 -37.32 6.57 -13.69
C ILE D 150 -36.29 6.56 -12.54
N LEU D 151 -36.71 6.37 -11.28
CA LEU D 151 -37.78 5.43 -10.90
C LEU D 151 -39.06 5.94 -10.16
N LYS D 152 -40.06 5.05 -10.17
CA LYS D 152 -41.35 5.12 -9.40
C LYS D 152 -42.58 5.77 -10.05
N ALA D 153 -42.92 6.98 -9.62
CA ALA D 153 -44.22 7.60 -9.91
C ALA D 153 -45.30 7.01 -9.02
#